data_8PVM
#
_entry.id   8PVM
#
_cell.length_a   87.650
_cell.length_b   69.830
_cell.length_c   102.890
_cell.angle_alpha   90.00
_cell.angle_beta   102.74
_cell.angle_gamma   90.00
#
_symmetry.space_group_name_H-M   'P 1 21 1'
#
loop_
_entity.id
_entity.type
_entity.pdbx_description
1 polymer 'Iron hydrogenase 1'
2 non-polymer dicarbonyl[bis(cyanide-kappaC)]-mu-(iminodimethanethiolatato-1kappaS:2kappaS)-mu-(oxomethylidene)diiron(2+)
3 non-polymer 'IRON/SULFUR CLUSTER'
4 non-polymer 'FE2/S2 (INORGANIC) CLUSTER'
5 non-polymer 'methyl radical'
6 non-polymer GLYCEROL
7 non-polymer 'FORMYL GROUP'
8 non-polymer 'MAGNESIUM ION'
9 non-polymer 'CHLORIDE ION'
10 water water
#
_entity_poly.entity_id   1
_entity_poly.type   'polypeptide(L)'
_entity_poly.pdbx_seq_one_letter_code
;MKTIIINGVQFNTDEDTTILKFARDNNIDISALCFLNNCNNDINKCEICTVEVEGTGLVTACDTLIEDGMIINTNSDAVN
EKIKSRISQLLDIHEFKCGPCNRRENCEFLKLVIKYKARASKPFLPKDKTEYVDERSKSLTVDRTKCLLCGRCVNACGKN
TETYAMKFLNKNGKTIIGAEDEKCFDDTNCLLCGQCIIACPVAALSEKSHMDRVKNALNAPEKHVIVAMAPSVRASIGEL
FNMGFGVDVTGKIYTALRQLGFDKIFDINFGADMTIMEEATELVQRIENNGPFPMFTSDCPGWVRQAENYYPELLNNLSS
AKSPQQIFGTASKTYYPSISGLDPKNVFTVTVMPCTSKKFEADRPQMEKDGLRDIDAVITTRELAKMIKDAKIPFAKLED
SEADPAMGEYSGAGAIFGATGGVMEAALRSAKDFAENAELEDIEYKQVRGLNGIKEAEVEINNNKYNVAVINGASNLFKF
MKSGMINEKQYHFIEVMACHGGCVNGGGQPHVNPKDLEKVDIKKVRASVLYNQDEHLSKRKSHENTALVKMYQNYFGKPG
EGRAHEILHFKYKKSAWSHPQFEK
;
_entity_poly.pdbx_strand_id   A,B
#
# COMPACT_ATOMS: atom_id res chain seq x y z
N MET A 1 -10.48 -25.74 -8.44
CA MET A 1 -11.81 -25.72 -7.86
C MET A 1 -11.72 -26.02 -6.37
N LYS A 2 -12.40 -25.22 -5.55
CA LYS A 2 -12.52 -25.49 -4.13
C LYS A 2 -13.96 -25.85 -3.81
N THR A 3 -14.14 -26.82 -2.92
CA THR A 3 -15.45 -27.10 -2.33
C THR A 3 -15.47 -26.53 -0.92
N ILE A 4 -16.40 -25.60 -0.68
CA ILE A 4 -16.54 -24.93 0.60
C ILE A 4 -17.97 -25.21 1.05
N ILE A 5 -18.15 -25.50 2.33
CA ILE A 5 -19.50 -25.66 2.88
C ILE A 5 -19.66 -24.59 3.96
N ILE A 6 -20.71 -23.78 3.83
CA ILE A 6 -21.01 -22.74 4.82
C ILE A 6 -22.45 -22.93 5.27
N ASN A 7 -22.63 -23.19 6.57
CA ASN A 7 -23.96 -23.40 7.13
C ASN A 7 -24.74 -24.44 6.34
N GLY A 8 -24.05 -25.51 5.95
CA GLY A 8 -24.66 -26.63 5.25
C GLY A 8 -24.81 -26.45 3.75
N VAL A 9 -24.47 -25.29 3.19
CA VAL A 9 -24.63 -25.02 1.76
C VAL A 9 -23.29 -25.23 1.08
N GLN A 10 -23.28 -26.03 0.03
CA GLN A 10 -22.05 -26.28 -0.72
C GLN A 10 -21.82 -25.21 -1.79
N PHE A 11 -20.60 -24.70 -1.85
CA PHE A 11 -20.15 -23.78 -2.88
C PHE A 11 -18.95 -24.38 -3.59
N ASN A 12 -19.03 -24.47 -4.91
CA ASN A 12 -17.88 -24.85 -5.73
C ASN A 12 -17.35 -23.58 -6.38
N THR A 13 -16.13 -23.19 -6.02
CA THR A 13 -15.60 -21.89 -6.42
C THR A 13 -14.11 -22.00 -6.70
N ASP A 14 -13.63 -21.18 -7.63
CA ASP A 14 -12.21 -21.00 -7.82
C ASP A 14 -11.71 -19.65 -7.31
N GLU A 15 -12.51 -18.99 -6.48
CA GLU A 15 -12.10 -17.70 -5.93
C GLU A 15 -11.01 -17.89 -4.87
N ASP A 16 -10.09 -16.93 -4.81
CA ASP A 16 -9.08 -16.84 -3.75
C ASP A 16 -9.42 -15.60 -2.94
N THR A 17 -10.15 -15.79 -1.84
CA THR A 17 -10.60 -14.68 -1.04
C THR A 17 -10.83 -15.19 0.37
N THR A 18 -11.11 -14.26 1.28
CA THR A 18 -11.35 -14.60 2.68
C THR A 18 -12.75 -15.17 2.88
N ILE A 19 -12.92 -15.88 3.99
CA ILE A 19 -14.25 -16.35 4.39
C ILE A 19 -15.22 -15.19 4.47
N LEU A 20 -14.79 -14.07 5.06
CA LEU A 20 -15.69 -12.92 5.20
C LEU A 20 -16.14 -12.40 3.83
N LYS A 21 -15.20 -12.20 2.91
CA LYS A 21 -15.58 -11.65 1.62
C LYS A 21 -16.46 -12.61 0.83
N PHE A 22 -16.11 -13.91 0.85
CA PHE A 22 -16.91 -14.91 0.16
C PHE A 22 -18.32 -15.01 0.72
N ALA A 23 -18.45 -15.06 2.05
CA ALA A 23 -19.77 -15.14 2.66
C ALA A 23 -20.62 -13.92 2.31
N ARG A 24 -20.04 -12.73 2.40
CA ARG A 24 -20.81 -11.51 2.12
C ARG A 24 -21.27 -11.46 0.67
N ASP A 25 -20.41 -11.90 -0.27
CA ASP A 25 -20.82 -11.96 -1.67
C ASP A 25 -21.96 -12.94 -1.89
N ASN A 26 -22.17 -13.88 -0.97
CA ASN A 26 -23.19 -14.91 -1.12
C ASN A 26 -24.30 -14.73 -0.08
N ASN A 27 -24.45 -13.52 0.46
CA ASN A 27 -25.56 -13.15 1.32
C ASN A 27 -25.61 -13.95 2.61
N ILE A 28 -24.43 -14.26 3.16
CA ILE A 28 -24.29 -14.91 4.46
C ILE A 28 -23.74 -13.89 5.43
N ASP A 29 -24.45 -13.66 6.54
CA ASP A 29 -24.09 -12.63 7.48
C ASP A 29 -22.90 -13.05 8.33
N ILE A 30 -21.85 -12.23 8.31
CA ILE A 30 -20.76 -12.35 9.27
C ILE A 30 -20.46 -10.94 9.76
N SER A 31 -20.43 -10.76 11.08
CA SER A 31 -20.14 -9.46 11.65
C SER A 31 -18.65 -9.14 11.55
N ALA A 32 -18.34 -7.86 11.64
CA ALA A 32 -16.95 -7.41 11.63
C ALA A 32 -16.87 -6.08 12.35
N LEU A 33 -15.67 -5.78 12.84
CA LEU A 33 -15.44 -4.51 13.49
C LEU A 33 -14.11 -3.93 13.05
N CYS A 34 -12.99 -4.58 13.39
CA CYS A 34 -11.69 -4.01 13.04
C CYS A 34 -11.32 -4.16 11.58
N PHE A 35 -12.03 -5.00 10.82
CA PHE A 35 -11.79 -5.10 9.40
C PHE A 35 -12.40 -3.91 8.65
N LEU A 36 -11.59 -3.29 7.79
CA LEU A 36 -12.07 -2.23 6.92
C LEU A 36 -11.11 -2.11 5.75
N ASN A 37 -11.66 -2.06 4.54
N ASN A 37 -11.64 -2.01 4.54
CA ASN A 37 -10.90 -1.79 3.33
CA ASN A 37 -10.82 -1.76 3.36
C ASN A 37 -9.72 -2.75 3.20
C ASN A 37 -9.67 -2.75 3.26
N ASN A 38 -10.01 -4.04 3.36
CA ASN A 38 -9.11 -5.14 3.07
C ASN A 38 -8.01 -5.30 4.12
N CYS A 39 -8.15 -4.68 5.29
CA CYS A 39 -7.17 -4.83 6.36
C CYS A 39 -7.90 -4.94 7.69
N ASN A 40 -7.38 -5.79 8.58
CA ASN A 40 -7.86 -5.83 9.95
C ASN A 40 -6.72 -5.36 10.85
N ASN A 41 -6.94 -5.49 12.16
CA ASN A 41 -5.97 -5.04 13.16
C ASN A 41 -5.09 -6.25 13.49
N ASP A 42 -3.88 -6.26 12.93
CA ASP A 42 -3.13 -7.53 12.92
C ASP A 42 -2.71 -7.98 14.31
N ILE A 43 -2.41 -7.05 15.22
CA ILE A 43 -2.08 -7.35 16.59
C ILE A 43 -3.30 -7.07 17.44
N ASN A 44 -3.65 -7.99 18.34
CA ASN A 44 -4.85 -7.87 19.16
C ASN A 44 -6.11 -7.66 18.32
N LYS A 45 -6.28 -8.53 17.32
CA LYS A 45 -7.44 -8.44 16.44
C LYS A 45 -8.74 -8.61 17.22
N CYS A 46 -9.83 -8.03 16.71
CA CYS A 46 -11.03 -7.91 17.53
C CYS A 46 -11.80 -9.21 17.67
N GLU A 47 -11.72 -10.10 16.67
CA GLU A 47 -12.40 -11.40 16.67
C GLU A 47 -13.92 -11.31 16.54
N ILE A 48 -14.46 -10.15 16.14
CA ILE A 48 -15.91 -10.04 15.99
C ILE A 48 -16.38 -10.85 14.77
N CYS A 49 -15.48 -11.15 13.84
CA CYS A 49 -15.76 -11.95 12.65
C CYS A 49 -15.55 -13.43 12.87
N THR A 50 -15.57 -13.88 14.13
CA THR A 50 -15.34 -15.29 14.43
C THR A 50 -16.36 -16.19 13.75
N VAL A 51 -15.84 -17.26 13.13
CA VAL A 51 -16.64 -18.37 12.63
C VAL A 51 -15.98 -19.67 13.10
N GLU A 52 -16.68 -20.78 12.88
CA GLU A 52 -16.14 -22.07 13.20
C GLU A 52 -15.77 -22.83 11.94
N VAL A 53 -14.55 -23.33 11.87
CA VAL A 53 -14.10 -24.19 10.78
C VAL A 53 -13.89 -25.59 11.37
N GLU A 54 -14.62 -26.57 10.85
CA GLU A 54 -14.51 -27.93 11.38
C GLU A 54 -13.07 -28.43 11.30
N GLY A 55 -12.62 -29.07 12.37
CA GLY A 55 -11.27 -29.57 12.46
C GLY A 55 -10.25 -28.53 12.88
N THR A 56 -10.61 -27.25 12.86
CA THR A 56 -9.73 -26.17 13.29
C THR A 56 -10.22 -25.49 14.55
N GLY A 57 -11.51 -25.17 14.61
CA GLY A 57 -12.06 -24.44 15.73
C GLY A 57 -12.48 -23.04 15.31
N LEU A 58 -12.48 -22.11 16.26
CA LEU A 58 -12.86 -20.74 15.96
C LEU A 58 -11.75 -20.03 15.20
N VAL A 59 -12.09 -19.38 14.10
CA VAL A 59 -11.14 -18.61 13.30
C VAL A 59 -11.77 -17.25 12.98
N THR A 60 -10.92 -16.30 12.61
CA THR A 60 -11.39 -14.97 12.21
C THR A 60 -11.65 -14.98 10.71
N ALA A 61 -12.92 -14.77 10.32
CA ALA A 61 -13.28 -14.88 8.92
C ALA A 61 -12.63 -13.77 8.07
N CYS A 62 -12.33 -12.61 8.66
CA CYS A 62 -11.91 -11.47 7.84
C CYS A 62 -10.49 -11.63 7.32
N ASP A 63 -9.72 -12.57 7.85
CA ASP A 63 -8.33 -12.71 7.45
C ASP A 63 -7.94 -14.16 7.26
N THR A 64 -8.91 -15.03 6.97
CA THR A 64 -8.65 -16.43 6.70
C THR A 64 -9.11 -16.72 5.27
N LEU A 65 -8.15 -17.06 4.40
CA LEU A 65 -8.49 -17.40 3.03
C LEU A 65 -9.25 -18.72 2.99
N ILE A 66 -10.23 -18.79 2.08
CA ILE A 66 -10.95 -20.05 1.91
C ILE A 66 -10.02 -21.10 1.33
N GLU A 67 -10.25 -22.36 1.73
CA GLU A 67 -9.45 -23.49 1.28
C GLU A 67 -10.39 -24.65 0.98
N ASP A 68 -10.07 -25.38 -0.10
CA ASP A 68 -10.82 -26.57 -0.46
C ASP A 68 -11.04 -27.44 0.77
N GLY A 69 -12.29 -27.86 0.99
CA GLY A 69 -12.62 -28.76 2.07
C GLY A 69 -13.11 -28.10 3.34
N MET A 70 -13.05 -26.77 3.45
CA MET A 70 -13.52 -26.15 4.68
C MET A 70 -15.01 -26.38 4.88
N ILE A 71 -15.39 -26.70 6.10
CA ILE A 71 -16.77 -26.74 6.53
C ILE A 71 -16.93 -25.67 7.60
N ILE A 72 -17.73 -24.65 7.30
CA ILE A 72 -17.78 -23.41 8.10
C ILE A 72 -19.17 -23.25 8.70
N ASN A 73 -19.21 -22.85 9.97
CA ASN A 73 -20.47 -22.51 10.63
C ASN A 73 -20.32 -21.11 11.20
N THR A 74 -21.22 -20.22 10.80
CA THR A 74 -21.14 -18.82 11.17
C THR A 74 -22.03 -18.44 12.33
N ASN A 75 -22.88 -19.35 12.83
CA ASN A 75 -23.94 -18.96 13.75
C ASN A 75 -24.14 -19.98 14.87
N SER A 76 -23.09 -20.72 15.24
CA SER A 76 -23.18 -21.67 16.33
C SER A 76 -23.18 -20.97 17.68
N ASP A 77 -23.60 -21.70 18.71
CA ASP A 77 -23.64 -21.13 20.06
C ASP A 77 -22.25 -20.70 20.51
N ALA A 78 -21.21 -21.48 20.21
CA ALA A 78 -19.86 -21.12 20.61
C ALA A 78 -19.39 -19.87 19.88
N VAL A 79 -19.72 -19.75 18.60
CA VAL A 79 -19.37 -18.57 17.83
C VAL A 79 -20.01 -17.33 18.45
N ASN A 80 -21.32 -17.40 18.71
CA ASN A 80 -22.02 -16.22 19.20
C ASN A 80 -21.59 -15.88 20.62
N GLU A 81 -21.26 -16.88 21.43
CA GLU A 81 -20.75 -16.60 22.77
C GLU A 81 -19.40 -15.89 22.70
N LYS A 82 -18.53 -16.31 21.78
CA LYS A 82 -17.23 -15.65 21.61
C LYS A 82 -17.41 -14.19 21.22
N ILE A 83 -18.25 -13.93 20.23
CA ILE A 83 -18.42 -12.57 19.73
C ILE A 83 -19.02 -11.67 20.80
N LYS A 84 -20.08 -12.15 21.47
CA LYS A 84 -20.69 -11.40 22.56
C LYS A 84 -19.68 -11.09 23.65
N SER A 85 -18.83 -12.07 24.00
CA SER A 85 -17.78 -11.86 24.98
C SER A 85 -16.82 -10.75 24.56
N ARG A 86 -16.44 -10.72 23.29
CA ARG A 86 -15.49 -9.70 22.82
C ARG A 86 -16.13 -8.32 22.88
N ILE A 87 -17.42 -8.22 22.54
CA ILE A 87 -18.10 -6.93 22.63
C ILE A 87 -18.23 -6.49 24.10
N SER A 88 -18.55 -7.45 25.00
CA SER A 88 -18.65 -7.11 26.41
C SER A 88 -17.33 -6.59 26.95
N GLN A 89 -16.22 -7.18 26.51
CA GLN A 89 -14.90 -6.72 26.94
C GLN A 89 -14.60 -5.32 26.44
N LEU A 90 -15.04 -4.99 25.22
CA LEU A 90 -14.91 -3.63 24.71
C LEU A 90 -15.77 -2.67 25.51
N LEU A 91 -16.97 -3.09 25.89
CA LEU A 91 -17.82 -2.20 26.71
C LEU A 91 -17.16 -1.89 28.04
N ASP A 92 -16.30 -2.80 28.55
CA ASP A 92 -15.56 -2.54 29.79
C ASP A 92 -14.60 -1.37 29.67
N ILE A 93 -14.21 -0.98 28.45
CA ILE A 93 -13.34 0.18 28.23
C ILE A 93 -14.03 1.30 27.44
N HIS A 94 -15.36 1.32 27.42
CA HIS A 94 -16.10 2.24 26.57
C HIS A 94 -17.10 3.01 27.41
N GLU A 95 -17.05 4.33 27.34
CA GLU A 95 -17.99 5.15 28.10
C GLU A 95 -19.29 5.13 27.29
N PHE A 96 -20.21 4.26 27.70
CA PHE A 96 -21.39 3.92 26.90
C PHE A 96 -22.53 4.87 27.26
N LYS A 97 -22.45 6.08 26.69
CA LYS A 97 -23.40 7.17 26.99
C LYS A 97 -23.77 7.80 25.65
N CYS A 98 -24.68 7.14 24.92
CA CYS A 98 -24.94 7.54 23.54
C CYS A 98 -25.74 8.83 23.44
N GLY A 99 -26.49 9.19 24.48
CA GLY A 99 -27.33 10.37 24.46
C GLY A 99 -26.68 11.61 23.89
N PRO A 100 -25.59 12.05 24.50
CA PRO A 100 -24.89 13.25 24.00
C PRO A 100 -23.76 12.96 23.02
N CYS A 101 -23.62 11.72 22.57
CA CYS A 101 -22.48 11.33 21.74
C CYS A 101 -22.67 11.75 20.30
N ASN A 102 -21.58 12.20 19.66
CA ASN A 102 -21.67 12.69 18.29
C ASN A 102 -21.81 11.60 17.24
N ARG A 103 -21.79 10.32 17.62
CA ARG A 103 -22.06 9.22 16.70
C ARG A 103 -23.36 8.49 17.04
N ARG A 104 -24.17 9.07 17.92
CA ARG A 104 -25.39 8.42 18.41
C ARG A 104 -26.22 7.81 17.30
N GLU A 105 -26.34 8.52 16.16
CA GLU A 105 -27.27 8.12 15.12
C GLU A 105 -26.66 7.16 14.08
N ASN A 106 -25.35 6.93 14.10
CA ASN A 106 -24.71 6.16 13.05
C ASN A 106 -23.44 5.48 13.54
N CYS A 107 -23.52 4.86 14.72
CA CYS A 107 -22.37 4.22 15.36
C CYS A 107 -22.31 2.73 15.02
N GLU A 108 -21.15 2.27 14.55
CA GLU A 108 -21.01 0.83 14.25
C GLU A 108 -20.96 -0.01 15.51
N PHE A 109 -20.35 0.51 16.57
CA PHE A 109 -20.24 -0.28 17.79
C PHE A 109 -21.61 -0.43 18.45
N LEU A 110 -22.40 0.64 18.49
CA LEU A 110 -23.75 0.53 19.06
C LEU A 110 -24.55 -0.54 18.34
N LYS A 111 -24.46 -0.59 17.01
N LYS A 111 -24.41 -0.62 17.01
CA LYS A 111 -25.16 -1.64 16.25
CA LYS A 111 -25.15 -1.62 16.25
C LYS A 111 -24.77 -3.03 16.74
C LYS A 111 -24.76 -3.04 16.65
N LEU A 112 -23.48 -3.25 16.98
CA LEU A 112 -23.03 -4.56 17.43
C LEU A 112 -23.48 -4.85 18.86
N VAL A 113 -23.44 -3.83 19.74
CA VAL A 113 -23.94 -4.02 21.10
C VAL A 113 -25.40 -4.44 21.08
N ILE A 114 -26.21 -3.84 20.21
CA ILE A 114 -27.61 -4.20 20.07
C ILE A 114 -27.75 -5.60 19.49
N LYS A 115 -26.99 -5.89 18.43
CA LYS A 115 -27.12 -7.18 17.74
C LYS A 115 -26.86 -8.35 18.69
N TYR A 116 -25.80 -8.25 19.50
CA TYR A 116 -25.39 -9.35 20.36
C TYR A 116 -25.87 -9.23 21.79
N LYS A 117 -26.61 -8.17 22.13
CA LYS A 117 -27.17 -7.99 23.48
C LYS A 117 -26.06 -7.95 24.54
N ALA A 118 -24.93 -7.33 24.20
CA ALA A 118 -23.78 -7.35 25.08
C ALA A 118 -23.91 -6.31 26.19
N ARG A 119 -23.28 -6.61 27.33
CA ARG A 119 -23.29 -5.69 28.46
C ARG A 119 -21.92 -5.76 29.13
N ALA A 120 -21.44 -4.62 29.61
CA ALA A 120 -20.16 -4.58 30.32
C ALA A 120 -20.22 -5.42 31.59
N SER A 121 -19.07 -5.99 31.94
CA SER A 121 -18.90 -6.59 33.27
C SER A 121 -18.96 -5.53 34.36
N LYS A 122 -18.47 -4.32 34.07
CA LYS A 122 -18.43 -3.20 35.01
C LYS A 122 -18.54 -1.97 34.12
N PRO A 123 -19.46 -1.05 34.40
CA PRO A 123 -19.58 0.15 33.55
C PRO A 123 -18.30 0.97 33.61
N PHE A 124 -17.87 1.45 32.45
CA PHE A 124 -16.70 2.31 32.35
C PHE A 124 -17.19 3.74 32.47
N LEU A 125 -16.77 4.41 33.56
CA LEU A 125 -17.27 5.74 33.93
C LEU A 125 -16.07 6.64 34.22
N PRO A 126 -15.29 6.96 33.20
CA PRO A 126 -14.06 7.74 33.42
C PRO A 126 -14.33 9.10 34.06
N LYS A 127 -13.45 9.49 34.98
CA LYS A 127 -13.70 10.65 35.82
C LYS A 127 -12.86 11.86 35.46
N ASP A 128 -11.73 11.67 34.77
CA ASP A 128 -10.90 12.78 34.31
C ASP A 128 -10.92 12.78 32.78
N LYS A 129 -12.03 13.21 32.21
CA LYS A 129 -12.12 13.15 30.75
C LYS A 129 -11.08 14.05 30.10
N THR A 130 -10.56 15.04 30.83
CA THR A 130 -9.45 15.86 30.34
C THR A 130 -8.25 14.98 29.98
N GLU A 131 -8.00 13.92 30.75
CA GLU A 131 -6.84 13.06 30.50
C GLU A 131 -7.07 12.11 29.32
N TYR A 132 -8.31 11.77 29.03
CA TYR A 132 -8.63 10.90 27.91
C TYR A 132 -8.82 11.66 26.61
N VAL A 133 -9.04 12.97 26.68
CA VAL A 133 -9.36 13.77 25.52
C VAL A 133 -8.12 14.57 25.19
N ASP A 134 -7.71 14.54 23.93
CA ASP A 134 -6.66 15.41 23.44
C ASP A 134 -7.30 16.33 22.42
N GLU A 135 -7.52 17.58 22.80
CA GLU A 135 -8.03 18.59 21.87
C GLU A 135 -7.02 19.69 21.60
N ARG A 136 -5.74 19.38 21.72
CA ARG A 136 -4.70 20.37 21.44
C ARG A 136 -4.67 20.79 19.97
N SER A 137 -5.03 19.89 19.07
CA SER A 137 -4.91 20.15 17.64
C SER A 137 -5.93 21.19 17.20
N LYS A 138 -5.56 21.98 16.20
CA LYS A 138 -6.53 22.84 15.55
C LYS A 138 -7.53 22.09 14.69
N SER A 139 -7.31 20.79 14.42
CA SER A 139 -8.12 20.06 13.44
C SER A 139 -8.73 18.79 13.98
N LEU A 140 -8.02 18.04 14.81
CA LEU A 140 -8.48 16.74 15.27
C LEU A 140 -8.70 16.75 16.77
N THR A 141 -9.64 15.93 17.22
CA THR A 141 -9.81 15.66 18.64
C THR A 141 -9.88 14.16 18.86
N VAL A 142 -9.15 13.69 19.87
CA VAL A 142 -9.16 12.29 20.25
C VAL A 142 -9.91 12.19 21.57
N ASP A 143 -10.90 11.30 21.65
CA ASP A 143 -11.64 11.03 22.87
C ASP A 143 -11.44 9.54 23.18
N ARG A 144 -10.46 9.24 24.03
CA ARG A 144 -10.13 7.85 24.25
C ARG A 144 -11.12 7.12 25.13
N THR A 145 -12.08 7.83 25.73
CA THR A 145 -13.16 7.13 26.43
C THR A 145 -14.02 6.30 25.49
N LYS A 146 -13.89 6.50 24.18
CA LYS A 146 -14.69 5.77 23.19
C LYS A 146 -13.85 4.81 22.37
N CYS A 147 -12.53 4.80 22.55
CA CYS A 147 -11.64 4.10 21.62
C CYS A 147 -11.65 2.59 21.87
N LEU A 148 -11.91 1.83 20.80
CA LEU A 148 -11.95 0.37 20.85
C LEU A 148 -10.60 -0.27 20.55
N LEU A 149 -9.57 0.53 20.24
CA LEU A 149 -8.25 0.00 19.89
C LEU A 149 -8.33 -0.96 18.70
N CYS A 150 -9.21 -0.62 17.76
CA CYS A 150 -9.44 -1.42 16.56
C CYS A 150 -8.42 -1.17 15.47
N GLY A 151 -7.62 -0.12 15.57
CA GLY A 151 -6.60 0.14 14.57
C GLY A 151 -7.08 0.62 13.22
N ARG A 152 -8.38 0.90 13.06
CA ARG A 152 -8.86 1.33 11.73
C ARG A 152 -8.26 2.67 11.33
N CYS A 153 -8.08 3.57 12.30
CA CYS A 153 -7.48 4.87 12.00
C CYS A 153 -6.02 4.71 11.59
N VAL A 154 -5.29 3.82 12.27
CA VAL A 154 -3.89 3.57 11.94
C VAL A 154 -3.79 2.99 10.54
N ASN A 155 -4.64 2.02 10.22
CA ASN A 155 -4.62 1.43 8.87
C ASN A 155 -4.98 2.49 7.83
N ALA A 156 -6.00 3.31 8.13
CA ALA A 156 -6.46 4.30 7.14
C ALA A 156 -5.40 5.36 6.93
N CYS A 157 -4.71 5.78 7.99
CA CYS A 157 -3.64 6.76 7.80
C CYS A 157 -2.55 6.19 6.90
N GLY A 158 -2.17 4.94 7.14
CA GLY A 158 -1.15 4.31 6.32
C GLY A 158 -1.55 4.21 4.87
N LYS A 159 -2.78 3.79 4.59
CA LYS A 159 -3.21 3.62 3.20
C LYS A 159 -3.47 4.96 2.52
N ASN A 160 -4.06 5.92 3.23
CA ASN A 160 -4.46 7.16 2.59
C ASN A 160 -3.31 8.14 2.46
N THR A 161 -2.37 8.14 3.41
CA THR A 161 -1.29 9.12 3.43
C THR A 161 0.11 8.55 3.42
N GLU A 162 0.30 7.32 3.87
CA GLU A 162 1.62 6.71 4.06
C GLU A 162 2.48 7.47 5.08
N THR A 163 1.90 8.40 5.87
CA THR A 163 2.69 9.07 6.88
C THR A 163 2.80 8.25 8.16
N TYR A 164 1.81 7.41 8.42
CA TYR A 164 1.71 6.71 9.69
C TYR A 164 1.79 7.69 10.86
N ALA A 165 1.20 8.86 10.66
CA ALA A 165 1.14 9.85 11.74
C ALA A 165 0.24 9.40 12.89
N MET A 166 -0.70 8.50 12.62
CA MET A 166 -1.53 7.89 13.66
C MET A 166 -0.92 6.54 14.05
N LYS A 167 -0.65 6.35 15.34
CA LYS A 167 0.12 5.19 15.79
C LYS A 167 -0.48 4.61 17.06
N PHE A 168 -0.21 3.32 17.29
CA PHE A 168 -0.36 2.75 18.62
C PHE A 168 0.83 3.20 19.47
N LEU A 169 0.54 3.64 20.70
CA LEU A 169 1.56 4.06 21.63
C LEU A 169 1.41 3.30 22.94
N ASN A 170 2.53 3.13 23.65
CA ASN A 170 2.51 2.57 24.99
C ASN A 170 2.58 3.77 25.94
N LYS A 171 1.48 4.04 26.63
CA LYS A 171 1.42 5.13 27.60
C LYS A 171 1.21 4.50 28.98
N ASN A 172 2.27 4.51 29.78
CA ASN A 172 2.18 4.02 31.16
C ASN A 172 1.81 2.54 31.19
N GLY A 173 2.33 1.78 30.24
CA GLY A 173 2.04 0.36 30.17
C GLY A 173 0.69 0.02 29.60
N LYS A 174 -0.04 0.98 29.04
CA LYS A 174 -1.33 0.71 28.43
C LYS A 174 -1.32 1.23 27.00
N THR A 175 -2.03 0.54 26.13
CA THR A 175 -2.04 0.91 24.71
C THR A 175 -3.07 2.00 24.45
N ILE A 176 -2.64 3.02 23.70
CA ILE A 176 -3.51 4.08 23.20
C ILE A 176 -3.16 4.32 21.75
N ILE A 177 -4.05 5.00 21.02
N ILE A 177 -4.00 5.12 21.10
CA ILE A 177 -3.66 5.58 19.73
CA ILE A 177 -3.82 5.67 19.78
C ILE A 177 -3.36 7.06 19.94
C ILE A 177 -3.42 7.13 19.92
N GLY A 178 -2.51 7.61 19.07
CA GLY A 178 -2.15 9.01 19.14
C GLY A 178 -1.06 9.32 18.14
N ALA A 179 -0.52 10.52 18.27
CA ALA A 179 0.53 11.00 17.37
C ALA A 179 1.90 10.57 17.88
N GLU A 180 2.91 10.74 17.03
CA GLU A 180 4.28 10.43 17.43
C GLU A 180 4.63 11.08 18.76
N ASP A 181 5.15 10.27 19.69
CA ASP A 181 5.60 10.74 21.01
C ASP A 181 4.48 11.38 21.83
N GLU A 182 3.22 11.03 21.54
CA GLU A 182 2.05 11.64 22.18
C GLU A 182 2.05 13.16 22.03
N LYS A 183 2.64 13.67 20.96
CA LYS A 183 2.62 15.10 20.69
C LYS A 183 1.25 15.54 20.18
N CYS A 184 1.05 16.84 20.14
CA CYS A 184 -0.08 17.39 19.39
C CYS A 184 0.10 17.02 17.92
N PHE A 185 -0.98 16.56 17.29
CA PHE A 185 -0.88 16.14 15.89
C PHE A 185 -0.26 17.23 15.02
N ASP A 186 -0.63 18.49 15.26
CA ASP A 186 -0.15 19.60 14.44
C ASP A 186 1.36 19.73 14.47
N ASP A 187 2.00 19.25 15.53
CA ASP A 187 3.46 19.33 15.69
C ASP A 187 4.20 18.13 15.13
N THR A 188 3.49 17.25 14.41
CA THR A 188 4.10 16.08 13.79
C THR A 188 3.90 16.19 12.27
N ASN A 189 4.24 15.11 11.57
CA ASN A 189 4.12 15.08 10.11
C ASN A 189 2.69 14.89 9.63
N CYS A 190 1.74 14.72 10.56
CA CYS A 190 0.33 14.61 10.23
C CYS A 190 -0.12 15.71 9.27
N LEU A 191 -0.95 15.32 8.29
CA LEU A 191 -1.52 16.23 7.31
C LEU A 191 -2.81 16.89 7.80
N LEU A 192 -3.38 16.43 8.91
CA LEU A 192 -4.65 16.93 9.45
C LEU A 192 -5.83 16.70 8.50
N CYS A 193 -5.70 15.70 7.61
CA CYS A 193 -6.70 15.40 6.58
C CYS A 193 -7.93 14.69 7.14
N GLY A 194 -7.83 14.10 8.33
CA GLY A 194 -8.99 13.49 8.95
C GLY A 194 -9.45 12.19 8.35
N GLN A 195 -8.65 11.54 7.49
CA GLN A 195 -9.08 10.22 6.99
C GLN A 195 -9.19 9.20 8.11
N CYS A 196 -8.39 9.38 9.18
CA CYS A 196 -8.53 8.55 10.37
C CYS A 196 -9.92 8.68 11.00
N ILE A 197 -10.48 9.89 11.02
CA ILE A 197 -11.84 10.09 11.55
C ILE A 197 -12.84 9.29 10.72
N ILE A 198 -12.71 9.36 9.39
CA ILE A 198 -13.65 8.72 8.48
C ILE A 198 -13.66 7.22 8.71
N ALA A 199 -12.51 6.64 9.06
CA ALA A 199 -12.38 5.21 9.30
C ALA A 199 -12.85 4.78 10.69
N CYS A 200 -13.07 5.72 11.61
CA CYS A 200 -13.33 5.33 13.00
C CYS A 200 -14.78 4.86 13.14
N PRO A 201 -15.02 3.70 13.75
CA PRO A 201 -16.41 3.20 13.88
C PRO A 201 -17.20 3.86 14.99
N VAL A 202 -16.56 4.67 15.83
CA VAL A 202 -17.19 5.23 17.01
C VAL A 202 -16.83 6.71 17.06
N ALA A 203 -17.09 7.35 18.21
CA ALA A 203 -16.84 8.78 18.39
C ALA A 203 -15.46 9.07 18.98
N ALA A 204 -14.51 8.14 18.84
CA ALA A 204 -13.20 8.33 19.46
C ALA A 204 -12.36 9.37 18.72
N LEU A 205 -12.49 9.45 17.40
CA LEU A 205 -11.84 10.51 16.63
C LEU A 205 -12.90 11.45 16.08
N SER A 206 -12.67 12.74 16.23
CA SER A 206 -13.61 13.75 15.75
C SER A 206 -12.83 14.94 15.23
N GLU A 207 -13.55 15.82 14.58
CA GLU A 207 -12.99 17.13 14.28
C GLU A 207 -12.85 17.95 15.56
N LYS A 208 -11.88 18.85 15.55
CA LYS A 208 -11.80 19.87 16.59
C LYS A 208 -13.01 20.79 16.49
N SER A 209 -13.82 20.84 17.54
CA SER A 209 -15.09 21.55 17.47
C SER A 209 -14.89 23.06 17.33
N HIS A 210 -15.64 23.66 16.41
CA HIS A 210 -15.80 25.11 16.35
C HIS A 210 -17.24 25.53 16.65
N MET A 211 -18.06 24.61 17.17
CA MET A 211 -19.47 24.92 17.45
C MET A 211 -19.61 26.11 18.39
N ASP A 212 -18.79 26.16 19.45
CA ASP A 212 -18.88 27.28 20.39
C ASP A 212 -18.45 28.61 19.76
N ARG A 213 -17.38 28.60 18.94
CA ARG A 213 -17.04 29.83 18.22
C ARG A 213 -18.24 30.37 17.48
N VAL A 214 -18.93 29.48 16.77
CA VAL A 214 -20.03 29.89 15.90
C VAL A 214 -21.23 30.35 16.72
N LYS A 215 -21.64 29.55 17.71
CA LYS A 215 -22.78 29.92 18.52
C LYS A 215 -22.54 31.23 19.28
N ASN A 216 -21.34 31.42 19.83
CA ASN A 216 -21.07 32.66 20.54
C ASN A 216 -21.14 33.86 19.60
N ALA A 217 -20.69 33.70 18.35
CA ALA A 217 -20.75 34.81 17.40
C ALA A 217 -22.19 35.10 16.99
N LEU A 218 -22.98 34.06 16.73
CA LEU A 218 -24.37 34.26 16.37
C LEU A 218 -25.12 35.00 17.47
N ASN A 219 -24.84 34.65 18.74
CA ASN A 219 -25.56 35.24 19.86
C ASN A 219 -24.99 36.60 20.26
N ALA A 220 -23.81 36.97 19.79
CA ALA A 220 -23.23 38.26 20.17
C ALA A 220 -23.96 39.35 19.43
N PRO A 221 -24.55 40.33 20.12
CA PRO A 221 -25.39 41.33 19.42
C PRO A 221 -24.66 42.08 18.33
N GLU A 222 -23.38 42.37 18.53
CA GLU A 222 -22.65 43.24 17.62
C GLU A 222 -21.95 42.49 16.49
N LYS A 223 -21.94 41.16 16.49
CA LYS A 223 -21.29 40.39 15.44
C LYS A 223 -22.26 40.19 14.27
N HIS A 224 -21.74 40.37 13.06
CA HIS A 224 -22.46 40.11 11.82
C HIS A 224 -21.81 38.87 11.23
N VAL A 225 -22.51 37.74 11.27
CA VAL A 225 -21.90 36.44 10.98
C VAL A 225 -22.22 36.07 9.53
N ILE A 226 -21.16 35.99 8.71
CA ILE A 226 -21.22 35.53 7.34
C ILE A 226 -21.03 34.02 7.37
N VAL A 227 -21.75 33.30 6.52
CA VAL A 227 -21.49 31.86 6.34
C VAL A 227 -21.36 31.55 4.85
N ALA A 228 -20.45 30.65 4.52
CA ALA A 228 -20.25 30.22 3.14
C ALA A 228 -19.86 28.75 3.15
N MET A 229 -20.52 27.93 2.33
N MET A 229 -20.48 27.95 2.29
CA MET A 229 -20.23 26.50 2.32
CA MET A 229 -20.27 26.51 2.28
C MET A 229 -19.34 26.11 1.15
C MET A 229 -19.39 26.07 1.11
N ALA A 230 -18.57 25.06 1.36
CA ALA A 230 -17.69 24.49 0.34
C ALA A 230 -18.50 23.81 -0.76
N PRO A 231 -17.87 23.58 -1.93
CA PRO A 231 -18.56 22.84 -3.00
C PRO A 231 -19.21 21.54 -2.52
N SER A 232 -18.49 20.77 -1.71
CA SER A 232 -18.90 19.39 -1.44
C SER A 232 -20.08 19.29 -0.48
N VAL A 233 -20.32 20.33 0.33
CA VAL A 233 -21.35 20.24 1.36
C VAL A 233 -22.73 19.98 0.74
N ARG A 234 -23.03 20.64 -0.38
CA ARG A 234 -24.33 20.53 -1.03
C ARG A 234 -24.56 19.17 -1.68
N ALA A 235 -23.50 18.38 -1.81
CA ALA A 235 -23.56 17.05 -2.40
C ALA A 235 -23.57 15.94 -1.36
N SER A 236 -23.52 16.26 -0.07
N SER A 236 -23.54 16.29 -0.08
CA SER A 236 -23.36 15.21 0.92
CA SER A 236 -23.22 15.33 0.97
C SER A 236 -24.18 15.39 2.19
C SER A 236 -24.12 15.41 2.20
N ILE A 237 -24.49 16.61 2.62
CA ILE A 237 -25.10 16.76 3.95
C ILE A 237 -26.47 16.07 4.02
N GLY A 238 -27.16 15.92 2.88
CA GLY A 238 -28.42 15.22 2.89
C GLY A 238 -28.34 13.78 3.36
N GLU A 239 -27.16 13.17 3.26
CA GLU A 239 -26.97 11.80 3.75
C GLU A 239 -27.33 11.70 5.23
N LEU A 240 -27.04 12.75 5.99
CA LEU A 240 -27.27 12.76 7.43
C LEU A 240 -28.72 13.07 7.80
N PHE A 241 -29.58 13.32 6.81
CA PHE A 241 -31.01 13.55 7.03
C PHE A 241 -31.84 12.48 6.33
N ASN A 242 -31.23 11.31 6.12
CA ASN A 242 -31.89 10.16 5.52
C ASN A 242 -32.46 10.45 4.14
N MET A 243 -31.80 11.32 3.37
CA MET A 243 -32.30 11.67 2.04
C MET A 243 -31.69 10.82 0.94
N GLY A 244 -30.75 9.95 1.27
CA GLY A 244 -30.07 9.15 0.27
C GLY A 244 -28.77 9.79 -0.18
N PHE A 245 -28.18 9.16 -1.18
CA PHE A 245 -26.85 9.53 -1.66
C PHE A 245 -26.96 10.28 -2.98
N GLY A 246 -26.09 11.28 -3.17
CA GLY A 246 -26.06 12.02 -4.41
C GLY A 246 -27.21 12.98 -4.61
N VAL A 247 -27.78 13.51 -3.53
CA VAL A 247 -28.88 14.46 -3.60
C VAL A 247 -28.32 15.87 -3.51
N ASP A 248 -28.68 16.72 -4.45
CA ASP A 248 -28.27 18.13 -4.42
C ASP A 248 -29.21 18.84 -3.46
N VAL A 249 -28.68 19.32 -2.33
CA VAL A 249 -29.52 20.01 -1.34
C VAL A 249 -29.10 21.47 -1.18
N THR A 250 -28.52 22.07 -2.24
CA THR A 250 -28.01 23.44 -2.17
C THR A 250 -29.04 24.42 -1.61
N GLY A 251 -30.24 24.45 -2.20
CA GLY A 251 -31.24 25.41 -1.78
C GLY A 251 -31.75 25.19 -0.37
N LYS A 252 -31.79 23.93 0.07
CA LYS A 252 -32.22 23.63 1.44
C LYS A 252 -31.17 24.12 2.45
N ILE A 253 -29.89 24.03 2.10
CA ILE A 253 -28.86 24.51 3.01
C ILE A 253 -28.98 26.01 3.22
N TYR A 254 -29.16 26.77 2.13
CA TYR A 254 -29.29 28.21 2.25
C TYR A 254 -30.44 28.56 3.20
N THR A 255 -31.55 27.83 3.11
CA THR A 255 -32.69 28.11 3.97
C THR A 255 -32.38 27.74 5.42
N ALA A 256 -31.74 26.59 5.62
CA ALA A 256 -31.37 26.17 6.97
C ALA A 256 -30.42 27.15 7.61
N LEU A 257 -29.48 27.69 6.83
CA LEU A 257 -28.53 28.64 7.40
C LEU A 257 -29.22 29.92 7.84
N ARG A 258 -30.19 30.39 7.07
CA ARG A 258 -30.96 31.54 7.50
C ARG A 258 -31.74 31.23 8.78
N GLN A 259 -32.32 30.03 8.85
CA GLN A 259 -33.08 29.65 10.04
C GLN A 259 -32.19 29.50 11.28
N LEU A 260 -30.91 29.20 11.08
CA LEU A 260 -29.96 29.15 12.19
C LEU A 260 -29.53 30.53 12.69
N GLY A 261 -29.87 31.59 11.97
CA GLY A 261 -29.58 32.93 12.42
C GLY A 261 -28.37 33.60 11.80
N PHE A 262 -27.71 32.96 10.83
CA PHE A 262 -26.61 33.63 10.14
C PHE A 262 -27.12 34.90 9.45
N ASP A 263 -26.25 35.91 9.41
CA ASP A 263 -26.66 37.23 8.94
C ASP A 263 -26.44 37.45 7.45
N LYS A 264 -25.61 36.63 6.81
CA LYS A 264 -25.38 36.77 5.38
C LYS A 264 -24.99 35.40 4.85
N ILE A 265 -25.59 35.03 3.72
CA ILE A 265 -25.44 33.69 3.16
C ILE A 265 -24.64 33.85 1.87
N PHE A 266 -23.37 33.48 1.90
CA PHE A 266 -22.53 33.53 0.71
C PHE A 266 -22.18 32.08 0.33
N ASP A 267 -21.15 31.91 -0.50
CA ASP A 267 -20.80 30.57 -0.96
C ASP A 267 -19.31 30.50 -1.26
N ILE A 268 -18.64 29.44 -0.77
CA ILE A 268 -17.21 29.31 -1.05
C ILE A 268 -16.94 29.10 -2.53
N ASN A 269 -17.93 28.64 -3.30
CA ASN A 269 -17.73 28.51 -4.74
C ASN A 269 -17.41 29.86 -5.38
N PHE A 270 -17.89 30.97 -4.79
CA PHE A 270 -17.45 32.29 -5.24
C PHE A 270 -15.96 32.47 -4.99
N GLY A 271 -15.50 32.06 -3.81
CA GLY A 271 -14.07 32.02 -3.55
C GLY A 271 -13.30 31.13 -4.51
N ALA A 272 -13.90 30.00 -4.93
CA ALA A 272 -13.22 29.15 -5.91
C ALA A 272 -13.01 29.90 -7.22
N ASP A 273 -14.03 30.63 -7.66
CA ASP A 273 -13.86 31.44 -8.88
C ASP A 273 -12.77 32.49 -8.68
N MET A 274 -12.68 33.10 -7.48
CA MET A 274 -11.57 34.02 -7.20
C MET A 274 -10.22 33.32 -7.29
N THR A 275 -10.09 32.15 -6.66
CA THR A 275 -8.82 31.42 -6.74
C THR A 275 -8.44 31.17 -8.18
N ILE A 276 -9.42 30.81 -9.03
CA ILE A 276 -9.10 30.58 -10.44
C ILE A 276 -8.66 31.87 -11.11
N MET A 277 -9.35 32.98 -10.88
CA MET A 277 -8.90 34.26 -11.43
C MET A 277 -7.43 34.50 -11.16
N GLU A 278 -7.01 34.31 -9.91
CA GLU A 278 -5.61 34.54 -9.56
C GLU A 278 -4.71 33.43 -10.11
N GLU A 279 -5.14 32.17 -9.97
CA GLU A 279 -4.25 31.06 -10.31
C GLU A 279 -4.08 30.90 -11.82
N ALA A 280 -5.17 31.03 -12.58
CA ALA A 280 -5.02 30.97 -14.03
C ALA A 280 -4.17 32.12 -14.55
N THR A 281 -4.33 33.31 -13.97
CA THR A 281 -3.45 34.42 -14.34
C THR A 281 -2.00 34.08 -14.05
N GLU A 282 -1.72 33.47 -12.89
CA GLU A 282 -0.35 33.12 -12.55
C GLU A 282 0.19 32.03 -13.47
N LEU A 283 -0.66 31.05 -13.84
CA LEU A 283 -0.22 30.01 -14.77
C LEU A 283 0.18 30.61 -16.11
N VAL A 284 -0.60 31.58 -16.61
CA VAL A 284 -0.27 32.22 -17.88
C VAL A 284 1.03 33.00 -17.77
N GLN A 285 1.24 33.66 -16.62
CA GLN A 285 2.51 34.34 -16.38
C GLN A 285 3.68 33.37 -16.38
N ARG A 286 3.53 32.21 -15.76
CA ARG A 286 4.62 31.23 -15.77
C ARG A 286 4.86 30.68 -17.17
N ILE A 287 3.79 30.49 -17.95
CA ILE A 287 3.98 30.08 -19.34
C ILE A 287 4.79 31.12 -20.10
N GLU A 288 4.50 32.40 -19.86
CA GLU A 288 5.25 33.46 -20.53
C GLU A 288 6.70 33.53 -20.08
N ASN A 289 6.99 33.15 -18.84
CA ASN A 289 8.34 33.21 -18.30
C ASN A 289 9.07 31.88 -18.37
N ASN A 290 8.50 30.88 -19.02
CA ASN A 290 9.09 29.55 -19.10
C ASN A 290 9.32 28.93 -17.71
N GLY A 291 8.46 29.27 -16.76
CA GLY A 291 8.52 28.71 -15.44
C GLY A 291 8.36 29.75 -14.35
N PRO A 292 8.69 29.38 -13.10
CA PRO A 292 9.17 28.04 -12.72
C PRO A 292 8.09 26.97 -12.85
N PHE A 293 8.50 25.80 -13.34
CA PHE A 293 7.64 24.65 -13.54
C PHE A 293 8.13 23.49 -12.69
N PRO A 294 7.23 22.62 -12.23
CA PRO A 294 5.78 22.76 -12.36
C PRO A 294 5.24 23.78 -11.37
N MET A 295 4.10 24.39 -11.69
CA MET A 295 3.26 25.02 -10.68
C MET A 295 2.39 23.96 -10.03
N PHE A 296 2.32 23.98 -8.70
CA PHE A 296 1.40 23.14 -7.95
C PHE A 296 0.25 23.97 -7.41
N THR A 297 -0.93 23.37 -7.34
CA THR A 297 -2.02 24.02 -6.62
C THR A 297 -1.65 24.17 -5.14
N SER A 298 -2.30 25.12 -4.47
CA SER A 298 -2.01 25.39 -3.06
C SER A 298 -3.28 25.44 -2.23
N ASP A 299 -4.39 24.95 -2.75
CA ASP A 299 -5.68 25.13 -2.09
C ASP A 299 -6.01 24.02 -1.11
N CYS A 300 -5.29 22.90 -1.13
CA CYS A 300 -5.57 21.82 -0.19
C CYS A 300 -4.59 21.94 0.96
N PRO A 301 -5.06 22.26 2.16
CA PRO A 301 -4.13 22.44 3.29
C PRO A 301 -3.48 21.16 3.76
N GLY A 302 -4.08 19.99 3.47
CA GLY A 302 -3.39 18.74 3.75
C GLY A 302 -2.19 18.56 2.86
N TRP A 303 -2.31 18.89 1.57
CA TRP A 303 -1.16 18.89 0.67
C TRP A 303 -0.13 19.94 1.08
N VAL A 304 -0.58 21.13 1.46
CA VAL A 304 0.38 22.16 1.88
C VAL A 304 1.21 21.65 3.06
N ARG A 305 0.57 20.97 4.02
CA ARG A 305 1.32 20.40 5.14
C ARG A 305 2.25 19.28 4.67
N GLN A 306 1.79 18.47 3.71
CA GLN A 306 2.65 17.43 3.16
C GLN A 306 3.89 18.03 2.50
N ALA A 307 3.72 19.12 1.75
CA ALA A 307 4.85 19.80 1.16
C ALA A 307 5.76 20.39 2.23
N GLU A 308 5.18 21.07 3.22
CA GLU A 308 5.97 21.64 4.30
C GLU A 308 6.77 20.57 5.02
N ASN A 309 6.15 19.41 5.29
CA ASN A 309 6.77 18.39 6.14
C ASN A 309 7.70 17.46 5.39
N TYR A 310 7.50 17.26 4.08
CA TYR A 310 8.24 16.26 3.32
C TYR A 310 8.94 16.79 2.06
N TYR A 311 8.43 17.87 1.47
CA TYR A 311 8.96 18.42 0.23
C TYR A 311 9.05 19.94 0.30
N PRO A 312 9.73 20.49 1.31
CA PRO A 312 9.76 21.95 1.44
C PRO A 312 10.40 22.64 0.25
N GLU A 313 11.25 21.93 -0.50
CA GLU A 313 11.84 22.50 -1.71
C GLU A 313 10.81 22.78 -2.80
N LEU A 314 9.58 22.26 -2.69
CA LEU A 314 8.52 22.57 -3.67
C LEU A 314 7.68 23.78 -3.28
N LEU A 315 7.82 24.29 -2.07
CA LEU A 315 6.95 25.37 -1.60
C LEU A 315 7.01 26.58 -2.52
N ASN A 316 8.18 26.87 -3.07
CA ASN A 316 8.34 28.00 -3.98
C ASN A 316 7.53 27.81 -5.26
N ASN A 317 7.27 26.55 -5.63
CA ASN A 317 6.53 26.25 -6.86
C ASN A 317 5.02 26.29 -6.66
N LEU A 318 4.53 26.34 -5.42
CA LEU A 318 3.09 26.40 -5.21
C LEU A 318 2.54 27.71 -5.75
N SER A 319 1.32 27.64 -6.27
CA SER A 319 0.61 28.85 -6.65
C SER A 319 0.50 29.78 -5.44
N SER A 320 0.68 31.08 -5.67
CA SER A 320 0.56 32.02 -4.56
C SER A 320 -0.88 32.40 -4.26
N ALA A 321 -1.84 31.99 -5.10
CA ALA A 321 -3.23 32.31 -4.81
C ALA A 321 -3.65 31.70 -3.48
N LYS A 322 -4.39 32.47 -2.68
CA LYS A 322 -4.99 31.87 -1.50
C LYS A 322 -6.02 30.81 -1.92
N SER A 323 -6.30 29.87 -1.01
CA SER A 323 -7.35 28.89 -1.25
C SER A 323 -8.72 29.56 -1.32
N PRO A 324 -9.71 28.89 -1.91
CA PRO A 324 -11.06 29.47 -1.92
C PRO A 324 -11.51 29.94 -0.55
N GLN A 325 -11.30 29.13 0.48
CA GLN A 325 -11.68 29.55 1.83
C GLN A 325 -10.98 30.84 2.25
N GLN A 326 -9.65 30.86 2.14
CA GLN A 326 -8.90 32.01 2.66
C GLN A 326 -9.03 33.25 1.77
N ILE A 327 -9.15 33.05 0.46
CA ILE A 327 -9.30 34.18 -0.45
C ILE A 327 -10.68 34.83 -0.26
N PHE A 328 -11.70 33.99 -0.02
CA PHE A 328 -13.03 34.48 0.33
C PHE A 328 -12.98 35.24 1.65
N GLY A 329 -12.34 34.65 2.66
CA GLY A 329 -12.27 35.31 3.96
C GLY A 329 -11.59 36.65 3.89
N THR A 330 -10.48 36.74 3.17
CA THR A 330 -9.79 38.02 3.01
C THR A 330 -10.72 39.06 2.42
N ALA A 331 -11.46 38.68 1.37
CA ALA A 331 -12.41 39.61 0.76
C ALA A 331 -13.55 39.95 1.70
N SER A 332 -13.95 39.01 2.57
CA SER A 332 -15.06 39.28 3.47
C SER A 332 -14.74 40.35 4.50
N LYS A 333 -13.46 40.63 4.75
CA LYS A 333 -13.05 41.66 5.72
C LYS A 333 -12.65 42.97 5.06
N THR A 334 -12.62 43.01 3.73
CA THR A 334 -12.16 44.17 2.97
C THR A 334 -13.24 44.61 1.99
N TYR A 335 -13.47 43.81 0.96
CA TYR A 335 -14.49 44.10 -0.04
C TYR A 335 -15.89 44.15 0.58
N TYR A 336 -16.22 43.14 1.39
CA TYR A 336 -17.59 43.07 1.90
C TYR A 336 -17.96 44.29 2.74
N PRO A 337 -17.15 44.76 3.70
CA PRO A 337 -17.47 46.02 4.36
C PRO A 337 -17.62 47.19 3.40
N SER A 338 -16.83 47.20 2.32
CA SER A 338 -16.91 48.30 1.36
C SER A 338 -18.23 48.34 0.62
N ILE A 339 -18.97 47.23 0.56
CA ILE A 339 -20.26 47.18 -0.14
C ILE A 339 -21.42 47.01 0.82
N SER A 340 -21.18 47.10 2.13
CA SER A 340 -22.24 46.84 3.10
C SER A 340 -22.31 47.87 4.21
N GLY A 341 -21.17 48.50 4.54
CA GLY A 341 -21.11 49.42 5.66
C GLY A 341 -20.80 48.79 7.00
N LEU A 342 -20.66 47.46 7.05
CA LEU A 342 -20.27 46.83 8.30
C LEU A 342 -18.90 47.33 8.76
N ASP A 343 -18.74 47.51 10.07
CA ASP A 343 -17.41 47.70 10.62
C ASP A 343 -16.66 46.39 10.41
N PRO A 344 -15.49 46.38 9.76
CA PRO A 344 -14.78 45.12 9.51
C PRO A 344 -14.52 44.30 10.77
N LYS A 345 -14.28 44.96 11.90
CA LYS A 345 -14.05 44.26 13.15
C LYS A 345 -15.27 43.49 13.64
N ASN A 346 -16.47 43.84 13.18
CA ASN A 346 -17.66 43.13 13.61
C ASN A 346 -18.08 42.02 12.66
N VAL A 347 -17.42 41.88 11.52
CA VAL A 347 -17.69 40.78 10.62
C VAL A 347 -17.05 39.52 11.18
N PHE A 348 -17.81 38.44 11.26
CA PHE A 348 -17.33 37.14 11.74
C PHE A 348 -17.62 36.13 10.63
N THR A 349 -16.56 35.59 10.03
CA THR A 349 -16.70 34.79 8.83
C THR A 349 -16.56 33.31 9.15
N VAL A 350 -17.60 32.54 8.82
CA VAL A 350 -17.68 31.11 9.10
C VAL A 350 -17.75 30.37 7.77
N THR A 351 -16.97 29.30 7.64
CA THR A 351 -17.13 28.40 6.51
C THR A 351 -17.66 27.06 6.98
N VAL A 352 -18.33 26.36 6.06
CA VAL A 352 -18.76 24.98 6.26
C VAL A 352 -17.97 24.15 5.26
N MET A 353 -17.16 23.25 5.76
N MET A 353 -17.18 23.20 5.76
CA MET A 353 -16.19 22.53 4.94
CA MET A 353 -16.21 22.55 4.90
C MET A 353 -16.38 21.02 5.07
C MET A 353 -16.25 21.03 5.11
N PRO A 354 -15.96 20.25 4.05
CA PRO A 354 -15.94 18.79 4.18
C PRO A 354 -14.64 18.31 4.81
N CYS A 355 -13.94 19.19 5.53
CA CYS A 355 -12.51 19.05 5.74
C CYS A 355 -12.13 19.45 7.15
N THR A 356 -11.25 18.66 7.77
CA THR A 356 -10.67 19.05 9.04
C THR A 356 -9.43 19.93 8.90
N SER A 357 -8.65 19.74 7.83
N SER A 357 -8.64 19.75 7.84
CA SER A 357 -7.42 20.50 7.66
CA SER A 357 -7.41 20.52 7.71
C SER A 357 -7.71 21.98 7.45
C SER A 357 -7.69 21.99 7.44
N LYS A 358 -8.90 22.31 6.95
CA LYS A 358 -9.29 23.71 6.77
C LYS A 358 -9.33 24.45 8.09
N LYS A 359 -9.55 23.76 9.22
CA LYS A 359 -9.53 24.44 10.52
C LYS A 359 -8.13 24.91 10.86
N PHE A 360 -7.13 24.11 10.51
CA PHE A 360 -5.75 24.52 10.67
C PHE A 360 -5.40 25.69 9.76
N GLU A 361 -5.81 25.60 8.48
CA GLU A 361 -5.52 26.69 7.56
C GLU A 361 -6.10 28.01 8.07
N ALA A 362 -7.35 27.97 8.53
CA ALA A 362 -8.01 29.19 8.99
C ALA A 362 -7.33 29.79 10.22
N ASP A 363 -6.65 28.96 11.02
CA ASP A 363 -6.01 29.43 12.24
C ASP A 363 -4.51 29.69 12.08
N ARG A 364 -3.98 29.66 10.85
CA ARG A 364 -2.57 29.96 10.63
C ARG A 364 -2.29 31.41 11.05
N PRO A 365 -1.22 31.67 11.80
CA PRO A 365 -1.02 33.05 12.32
C PRO A 365 -1.08 34.16 11.28
N GLN A 366 -0.54 33.93 10.08
CA GLN A 366 -0.43 34.97 9.07
C GLN A 366 -1.66 35.09 8.18
N MET A 367 -2.68 34.27 8.39
CA MET A 367 -3.93 34.34 7.63
C MET A 367 -4.84 35.40 8.25
N GLU A 368 -4.34 36.63 8.24
CA GLU A 368 -5.03 37.79 8.79
C GLU A 368 -4.40 39.04 8.23
N LYS A 369 -5.14 40.14 8.30
CA LYS A 369 -4.59 41.45 7.93
C LYS A 369 -5.21 42.50 8.80
N ASP A 370 -4.38 43.44 9.27
CA ASP A 370 -4.84 44.53 10.14
C ASP A 370 -5.58 44.00 11.36
N GLY A 371 -5.11 42.86 11.88
CA GLY A 371 -5.71 42.27 13.05
C GLY A 371 -7.00 41.51 12.83
N LEU A 372 -7.45 41.37 11.58
CA LEU A 372 -8.72 40.73 11.27
C LEU A 372 -8.42 39.39 10.62
N ARG A 373 -8.90 38.31 11.22
CA ARG A 373 -8.71 36.99 10.64
C ARG A 373 -9.42 36.91 9.31
N ASP A 374 -8.80 36.23 8.32
CA ASP A 374 -9.54 35.95 7.10
C ASP A 374 -10.81 35.17 7.42
N ILE A 375 -10.66 34.12 8.23
CA ILE A 375 -11.72 33.19 8.56
C ILE A 375 -11.72 33.02 10.08
N ASP A 376 -12.88 33.23 10.70
CA ASP A 376 -12.99 33.18 12.16
C ASP A 376 -13.41 31.82 12.69
N ALA A 377 -14.08 31.00 11.89
CA ALA A 377 -14.48 29.68 12.34
C ALA A 377 -14.74 28.81 11.12
N VAL A 378 -14.50 27.51 11.28
CA VAL A 378 -14.73 26.52 10.23
C VAL A 378 -15.48 25.37 10.89
N ILE A 379 -16.66 25.06 10.38
CA ILE A 379 -17.41 23.90 10.86
C ILE A 379 -17.50 22.88 9.74
N THR A 380 -17.46 21.61 10.11
CA THR A 380 -17.50 20.55 9.12
C THR A 380 -18.94 20.30 8.68
N THR A 381 -19.08 19.52 7.60
CA THR A 381 -20.41 19.05 7.19
C THR A 381 -21.15 18.41 8.35
N ARG A 382 -20.45 17.57 9.10
CA ARG A 382 -21.05 16.92 10.27
C ARG A 382 -21.47 17.94 11.33
N GLU A 383 -20.64 18.95 11.58
CA GLU A 383 -21.01 19.96 12.59
C GLU A 383 -22.24 20.75 12.16
N LEU A 384 -22.33 21.12 10.88
CA LEU A 384 -23.52 21.83 10.42
C LEU A 384 -24.77 20.97 10.56
N ALA A 385 -24.65 19.68 10.23
CA ALA A 385 -25.82 18.80 10.41
C ALA A 385 -26.23 18.75 11.87
N LYS A 386 -25.26 18.70 12.79
CA LYS A 386 -25.62 18.70 14.20
C LYS A 386 -26.29 20.01 14.61
N MET A 387 -25.80 21.14 14.11
N MET A 387 -25.82 21.13 14.07
CA MET A 387 -26.45 22.42 14.37
CA MET A 387 -26.46 22.40 14.39
C MET A 387 -27.91 22.40 13.93
C MET A 387 -27.90 22.45 13.90
N ILE A 388 -28.14 21.91 12.71
CA ILE A 388 -29.49 21.91 12.14
C ILE A 388 -30.42 21.04 12.98
N LYS A 389 -29.93 19.86 13.38
CA LYS A 389 -30.75 18.95 14.18
C LYS A 389 -31.02 19.50 15.57
N ASP A 390 -30.00 20.09 16.20
CA ASP A 390 -30.17 20.67 17.53
C ASP A 390 -31.24 21.75 17.52
N ALA A 391 -31.31 22.52 16.43
CA ALA A 391 -32.29 23.59 16.27
C ALA A 391 -33.64 23.09 15.79
N LYS A 392 -33.80 21.78 15.62
CA LYS A 392 -35.09 21.18 15.23
C LYS A 392 -35.55 21.71 13.88
N ILE A 393 -34.60 21.98 12.99
CA ILE A 393 -34.91 22.45 11.64
C ILE A 393 -35.25 21.26 10.77
N PRO A 394 -36.44 21.23 10.17
CA PRO A 394 -36.87 20.06 9.37
C PRO A 394 -36.26 20.07 7.97
N PHE A 395 -34.97 19.70 7.92
CA PHE A 395 -34.14 19.94 6.75
C PHE A 395 -34.77 19.39 5.47
N ALA A 396 -35.21 18.14 5.50
CA ALA A 396 -35.70 17.47 4.30
C ALA A 396 -37.00 18.08 3.77
N LYS A 397 -37.68 18.90 4.55
CA LYS A 397 -38.92 19.53 4.14
C LYS A 397 -38.76 21.01 3.78
N LEU A 398 -37.56 21.56 3.89
CA LEU A 398 -37.37 22.98 3.64
C LEU A 398 -37.55 23.32 2.18
N GLU A 399 -38.07 24.52 1.93
CA GLU A 399 -38.09 25.11 0.61
C GLU A 399 -36.71 25.63 0.25
N ASP A 400 -36.45 25.74 -1.05
CA ASP A 400 -35.18 26.27 -1.52
C ASP A 400 -35.15 27.78 -1.37
N SER A 401 -34.00 28.31 -1.01
CA SER A 401 -33.72 29.74 -1.11
C SER A 401 -32.42 29.94 -1.86
N GLU A 402 -32.04 31.20 -2.07
CA GLU A 402 -30.80 31.50 -2.77
C GLU A 402 -29.80 32.20 -1.85
N ALA A 403 -28.54 32.14 -2.26
CA ALA A 403 -27.52 32.88 -1.55
C ALA A 403 -27.64 34.36 -1.89
N ASP A 404 -27.06 35.18 -1.04
CA ASP A 404 -26.88 36.57 -1.38
C ASP A 404 -25.82 36.66 -2.47
N PRO A 405 -26.11 37.31 -3.60
CA PRO A 405 -25.26 37.15 -4.80
C PRO A 405 -23.89 37.82 -4.74
N ALA A 406 -23.70 38.87 -3.94
CA ALA A 406 -22.48 39.69 -4.06
C ALA A 406 -21.22 38.88 -3.84
N MET A 407 -21.26 37.88 -2.95
CA MET A 407 -20.18 36.91 -2.77
C MET A 407 -20.75 35.50 -2.76
N GLY A 408 -21.84 35.29 -3.49
CA GLY A 408 -22.57 34.04 -3.50
C GLY A 408 -22.75 33.42 -4.88
N GLU A 409 -22.67 34.23 -5.94
CA GLU A 409 -22.72 33.69 -7.29
C GLU A 409 -21.54 32.77 -7.54
N TYR A 410 -21.77 31.72 -8.31
CA TYR A 410 -20.64 30.91 -8.75
C TYR A 410 -20.86 30.32 -10.13
N SER A 411 -19.73 30.10 -10.81
CA SER A 411 -19.71 29.47 -12.13
C SER A 411 -19.61 27.96 -12.00
N GLY A 412 -19.80 27.27 -13.12
CA GLY A 412 -19.66 25.83 -13.12
C GLY A 412 -18.23 25.37 -12.84
N ALA A 413 -17.25 26.20 -13.17
CA ALA A 413 -15.86 25.86 -12.86
C ALA A 413 -15.63 25.83 -11.35
N GLY A 414 -16.16 26.81 -10.63
CA GLY A 414 -16.07 26.76 -9.17
C GLY A 414 -16.83 25.58 -8.57
N ALA A 415 -17.96 25.23 -9.18
CA ALA A 415 -18.81 24.16 -8.67
C ALA A 415 -18.09 22.82 -8.60
N ILE A 416 -17.16 22.56 -9.53
CA ILE A 416 -16.54 21.24 -9.59
C ILE A 416 -15.30 21.11 -8.71
N PHE A 417 -14.95 22.14 -7.94
CA PHE A 417 -13.70 22.11 -7.16
C PHE A 417 -13.63 20.90 -6.24
N GLY A 418 -14.77 20.45 -5.72
CA GLY A 418 -14.79 19.42 -4.69
C GLY A 418 -14.46 18.03 -5.18
N ALA A 419 -14.32 17.81 -6.48
CA ALA A 419 -13.93 16.51 -7.00
C ALA A 419 -12.48 16.53 -7.48
N THR A 420 -11.80 15.39 -7.35
CA THR A 420 -10.43 15.30 -7.87
C THR A 420 -10.38 15.65 -9.35
N GLY A 421 -9.46 16.56 -9.72
CA GLY A 421 -9.38 17.08 -11.07
C GLY A 421 -10.24 18.30 -11.31
N GLY A 422 -11.06 18.70 -10.33
CA GLY A 422 -11.93 19.85 -10.52
C GLY A 422 -11.18 21.16 -10.62
N VAL A 423 -10.22 21.38 -9.70
CA VAL A 423 -9.39 22.58 -9.77
C VAL A 423 -8.64 22.64 -11.09
N MET A 424 -8.04 21.51 -11.49
CA MET A 424 -7.36 21.42 -12.79
C MET A 424 -8.27 21.87 -13.92
N GLU A 425 -9.43 21.22 -14.03
CA GLU A 425 -10.34 21.54 -15.12
C GLU A 425 -10.77 23.00 -15.07
N ALA A 426 -11.13 23.49 -13.87
CA ALA A 426 -11.55 24.89 -13.72
C ALA A 426 -10.44 25.84 -14.16
N ALA A 427 -9.20 25.56 -13.73
CA ALA A 427 -8.09 26.44 -14.05
C ALA A 427 -7.79 26.44 -15.54
N LEU A 428 -7.87 25.28 -16.20
CA LEU A 428 -7.59 25.25 -17.63
C LEU A 428 -8.63 26.02 -18.43
N ARG A 429 -9.89 25.97 -18.00
CA ARG A 429 -10.91 26.73 -18.70
C ARG A 429 -10.55 28.21 -18.76
N SER A 430 -10.08 28.78 -17.65
CA SER A 430 -9.71 30.20 -17.67
C SER A 430 -8.34 30.42 -18.30
N ALA A 431 -7.34 29.58 -17.96
CA ALA A 431 -5.99 29.81 -18.47
C ALA A 431 -5.95 29.79 -19.99
N LYS A 432 -6.69 28.87 -20.61
CA LYS A 432 -6.69 28.80 -22.06
C LYS A 432 -7.34 30.03 -22.68
N ASP A 433 -8.46 30.50 -22.11
CA ASP A 433 -9.08 31.73 -22.60
C ASP A 433 -8.16 32.92 -22.41
N PHE A 434 -7.50 33.00 -21.25
CA PHE A 434 -6.60 34.13 -20.99
C PHE A 434 -5.44 34.14 -21.98
N ALA A 435 -4.81 32.99 -22.17
CA ALA A 435 -3.61 32.93 -23.01
C ALA A 435 -3.95 33.14 -24.49
N GLU A 436 -5.08 32.61 -24.94
CA GLU A 436 -5.46 32.72 -26.34
C GLU A 436 -6.30 33.97 -26.63
N ASN A 437 -6.59 34.77 -25.60
CA ASN A 437 -7.45 35.95 -25.69
C ASN A 437 -8.73 35.59 -26.45
N ALA A 438 -9.37 34.51 -26.00
CA ALA A 438 -10.47 33.91 -26.74
C ALA A 438 -11.58 33.51 -25.76
N GLU A 439 -12.70 33.09 -26.34
CA GLU A 439 -13.86 32.61 -25.60
C GLU A 439 -14.15 31.20 -26.12
N LEU A 440 -13.33 30.24 -25.70
CA LEU A 440 -13.39 28.91 -26.29
C LEU A 440 -14.61 28.15 -25.83
N GLU A 441 -15.20 27.38 -26.76
CA GLU A 441 -16.43 26.65 -26.46
C GLU A 441 -16.17 25.26 -25.90
N ASP A 442 -15.05 24.63 -26.23
CA ASP A 442 -14.76 23.29 -25.72
C ASP A 442 -14.05 23.44 -24.38
N ILE A 443 -14.75 23.12 -23.30
CA ILE A 443 -14.30 23.40 -21.94
C ILE A 443 -14.25 22.17 -21.06
N GLU A 444 -14.63 20.99 -21.55
CA GLU A 444 -14.66 19.81 -20.72
C GLU A 444 -13.35 19.03 -20.84
N TYR A 445 -12.70 18.78 -19.71
CA TYR A 445 -11.41 18.11 -19.65
C TYR A 445 -11.61 16.77 -18.95
N LYS A 446 -12.25 15.83 -19.65
CA LYS A 446 -12.60 14.56 -19.02
C LYS A 446 -11.37 13.73 -18.67
N GLN A 447 -10.23 13.98 -19.32
CA GLN A 447 -9.02 13.22 -19.04
C GLN A 447 -8.48 13.42 -17.62
N VAL A 448 -8.81 14.53 -16.95
CA VAL A 448 -8.30 14.75 -15.60
C VAL A 448 -9.28 14.31 -14.52
N ARG A 449 -10.44 13.79 -14.92
CA ARG A 449 -11.49 13.40 -13.98
C ARG A 449 -11.34 11.95 -13.55
N GLY A 450 -12.00 11.63 -12.45
CA GLY A 450 -12.16 10.25 -12.04
C GLY A 450 -11.19 9.82 -10.96
N LEU A 451 -11.26 8.53 -10.64
CA LEU A 451 -10.68 8.05 -9.40
C LEU A 451 -9.28 7.45 -9.52
N ASN A 452 -8.66 7.44 -10.70
CA ASN A 452 -7.27 7.00 -10.76
C ASN A 452 -6.42 7.87 -9.85
N GLY A 453 -5.43 7.24 -9.19
CA GLY A 453 -4.66 7.95 -8.18
C GLY A 453 -3.72 8.99 -8.76
N ILE A 454 -3.21 8.74 -9.96
CA ILE A 454 -2.34 9.69 -10.66
C ILE A 454 -2.86 9.79 -12.08
N LYS A 455 -3.25 10.99 -12.50
CA LYS A 455 -3.82 11.22 -13.81
C LYS A 455 -2.99 12.27 -14.52
N GLU A 456 -2.86 12.14 -15.83
CA GLU A 456 -2.08 13.10 -16.59
C GLU A 456 -2.76 13.35 -17.92
N ALA A 457 -2.41 14.49 -18.51
CA ALA A 457 -2.94 14.86 -19.80
C ALA A 457 -1.99 15.87 -20.43
N GLU A 458 -1.95 15.87 -21.75
CA GLU A 458 -1.27 16.90 -22.51
C GLU A 458 -2.34 17.86 -23.03
N VAL A 459 -2.14 19.16 -22.80
CA VAL A 459 -3.10 20.16 -23.21
C VAL A 459 -2.43 21.16 -24.15
N GLU A 460 -3.20 21.68 -25.09
CA GLU A 460 -2.72 22.69 -26.03
C GLU A 460 -3.19 24.04 -25.53
N ILE A 461 -2.26 24.97 -25.32
CA ILE A 461 -2.60 26.33 -24.93
C ILE A 461 -1.83 27.25 -25.84
N ASN A 462 -2.55 28.04 -26.64
CA ASN A 462 -1.95 29.04 -27.52
C ASN A 462 -0.85 28.43 -28.39
N ASN A 463 -1.18 27.28 -29.02
CA ASN A 463 -0.33 26.62 -30.01
C ASN A 463 0.97 26.07 -29.42
N ASN A 464 0.94 25.71 -28.15
CA ASN A 464 2.02 24.96 -27.53
C ASN A 464 1.40 23.86 -26.69
N LYS A 465 2.17 22.80 -26.48
CA LYS A 465 1.71 21.66 -25.68
C LYS A 465 2.28 21.73 -24.27
N TYR A 466 1.44 21.44 -23.29
CA TYR A 466 1.82 21.47 -21.88
C TYR A 466 1.37 20.19 -21.20
N ASN A 467 2.13 19.77 -20.20
CA ASN A 467 1.85 18.54 -19.46
C ASN A 467 1.26 18.87 -18.10
N VAL A 468 0.08 18.33 -17.81
CA VAL A 468 -0.56 18.50 -16.52
C VAL A 468 -0.70 17.15 -15.84
N ALA A 469 -0.74 17.18 -14.52
CA ALA A 469 -1.01 15.98 -13.75
C ALA A 469 -1.98 16.32 -12.63
N VAL A 470 -2.79 15.33 -12.25
CA VAL A 470 -3.69 15.45 -11.11
C VAL A 470 -3.31 14.33 -10.16
N ILE A 471 -2.92 14.70 -8.95
CA ILE A 471 -2.53 13.75 -7.92
C ILE A 471 -3.70 13.63 -6.96
N ASN A 472 -4.25 12.43 -6.85
CA ASN A 472 -5.52 12.19 -6.17
C ASN A 472 -5.24 11.36 -4.92
N GLY A 473 -4.90 12.05 -3.83
CA GLY A 473 -4.64 11.41 -2.56
C GLY A 473 -3.19 11.55 -2.11
N ALA A 474 -2.98 11.78 -0.81
CA ALA A 474 -1.63 12.06 -0.32
C ALA A 474 -0.68 10.89 -0.56
N SER A 475 -1.16 9.65 -0.46
CA SER A 475 -0.28 8.52 -0.71
C SER A 475 0.19 8.51 -2.16
N ASN A 476 -0.64 9.02 -3.08
CA ASN A 476 -0.26 9.07 -4.48
C ASN A 476 0.70 10.22 -4.76
N LEU A 477 0.73 11.25 -3.91
CA LEU A 477 1.79 12.25 -4.01
C LEU A 477 3.13 11.61 -3.70
N PHE A 478 3.22 10.86 -2.60
CA PHE A 478 4.45 10.15 -2.30
C PHE A 478 4.82 9.20 -3.43
N LYS A 479 3.86 8.47 -3.99
CA LYS A 479 4.18 7.58 -5.11
C LYS A 479 4.73 8.35 -6.30
N PHE A 480 4.07 9.45 -6.66
CA PHE A 480 4.48 10.25 -7.81
C PHE A 480 5.91 10.75 -7.63
N MET A 481 6.26 11.19 -6.43
CA MET A 481 7.62 11.69 -6.23
C MET A 481 8.63 10.57 -6.04
N LYS A 482 8.33 9.61 -5.16
CA LYS A 482 9.33 8.59 -4.83
C LYS A 482 9.61 7.67 -6.02
N SER A 483 8.63 7.47 -6.88
CA SER A 483 8.82 6.62 -8.06
C SER A 483 9.62 7.30 -9.16
N GLY A 484 9.86 8.62 -9.06
CA GLY A 484 10.50 9.35 -10.13
C GLY A 484 9.59 9.70 -11.27
N MET A 485 8.29 9.46 -11.11
CA MET A 485 7.32 9.75 -12.17
C MET A 485 7.38 11.25 -12.54
N ILE A 486 7.64 12.10 -11.54
CA ILE A 486 7.81 13.54 -11.74
C ILE A 486 8.90 13.85 -12.75
N ASN A 487 9.88 12.96 -12.91
CA ASN A 487 11.00 13.25 -13.80
C ASN A 487 10.89 12.59 -15.16
N GLU A 488 9.76 11.96 -15.47
CA GLU A 488 9.61 11.34 -16.79
C GLU A 488 9.36 12.34 -17.89
N LYS A 489 8.89 13.54 -17.56
CA LYS A 489 8.69 14.61 -18.52
C LYS A 489 8.63 15.90 -17.73
N GLN A 490 8.61 17.02 -18.44
CA GLN A 490 8.41 18.31 -17.79
C GLN A 490 6.92 18.51 -17.53
N TYR A 491 6.55 18.51 -16.25
N TYR A 491 6.53 18.54 -16.26
CA TYR A 491 5.18 18.90 -15.88
CA TYR A 491 5.17 18.90 -15.89
C TYR A 491 5.13 20.41 -15.75
C TYR A 491 5.06 20.39 -15.63
N HIS A 492 3.99 20.99 -16.13
CA HIS A 492 3.79 22.42 -16.06
C HIS A 492 2.84 22.83 -14.95
N PHE A 493 1.80 22.05 -14.72
CA PHE A 493 0.78 22.40 -13.74
C PHE A 493 0.26 21.11 -13.12
N ILE A 494 0.26 21.05 -11.79
CA ILE A 494 -0.06 19.82 -11.06
C ILE A 494 -1.05 20.16 -9.95
N GLU A 495 -2.21 19.52 -9.98
CA GLU A 495 -3.16 19.59 -8.88
C GLU A 495 -2.84 18.48 -7.88
N VAL A 496 -2.84 18.81 -6.59
CA VAL A 496 -2.68 17.83 -5.53
C VAL A 496 -3.83 17.96 -4.55
N MET A 497 -4.52 16.85 -4.28
CA MET A 497 -5.49 16.76 -3.20
C MET A 497 -5.04 15.68 -2.23
N ALA A 498 -5.17 15.94 -0.92
CA ALA A 498 -4.73 14.95 0.06
C ALA A 498 -5.72 13.79 0.20
N CYS A 499 -7.00 14.02 -0.06
CA CYS A 499 -8.02 12.99 0.15
C CYS A 499 -8.36 12.35 -1.20
N HIS A 500 -8.25 11.03 -1.25
CA HIS A 500 -8.59 10.31 -2.48
C HIS A 500 -10.06 10.55 -2.85
N GLY A 501 -10.29 10.96 -4.10
CA GLY A 501 -11.58 11.41 -4.55
C GLY A 501 -11.75 12.93 -4.54
N GLY A 502 -10.83 13.64 -3.89
CA GLY A 502 -10.99 15.06 -3.66
C GLY A 502 -11.79 15.34 -2.40
N CYS A 503 -12.22 16.61 -2.27
CA CYS A 503 -12.89 17.05 -1.04
C CYS A 503 -14.21 16.34 -0.79
N VAL A 504 -14.87 15.81 -1.82
CA VAL A 504 -16.08 15.03 -1.55
C VAL A 504 -15.81 13.89 -0.59
N ASN A 505 -14.55 13.42 -0.48
CA ASN A 505 -14.16 12.38 0.46
C ASN A 505 -13.33 12.96 1.62
N GLY A 506 -13.57 14.21 2.00
CA GLY A 506 -12.77 14.83 3.03
C GLY A 506 -13.07 14.31 4.44
N GLY A 507 -12.19 14.70 5.37
CA GLY A 507 -12.26 14.17 6.73
C GLY A 507 -13.35 14.76 7.60
N GLY A 508 -14.06 15.77 7.11
CA GLY A 508 -15.20 16.36 7.78
C GLY A 508 -16.53 15.88 7.24
N GLN A 509 -16.52 14.88 6.37
CA GLN A 509 -17.72 14.43 5.68
C GLN A 509 -18.53 13.43 6.50
N PRO A 510 -19.79 13.21 6.14
CA PRO A 510 -20.59 12.19 6.85
C PRO A 510 -19.92 10.82 6.77
N HIS A 511 -19.90 10.12 7.91
CA HIS A 511 -19.51 8.72 7.88
C HIS A 511 -20.53 7.91 7.09
N VAL A 512 -20.05 6.86 6.43
CA VAL A 512 -20.91 5.94 5.69
C VAL A 512 -20.63 4.55 6.24
N ASN A 513 -21.69 3.81 6.55
CA ASN A 513 -21.52 2.43 7.00
C ASN A 513 -20.74 1.63 5.95
N PRO A 514 -19.75 0.80 6.37
CA PRO A 514 -18.96 0.02 5.41
C PRO A 514 -19.81 -0.85 4.50
N LYS A 515 -21.02 -1.18 4.95
CA LYS A 515 -21.93 -1.97 4.11
C LYS A 515 -22.61 -1.12 3.04
N ASP A 516 -22.91 0.15 3.33
CA ASP A 516 -23.36 1.05 2.26
C ASP A 516 -22.22 1.34 1.29
N LEU A 517 -20.98 1.39 1.78
CA LEU A 517 -19.84 1.58 0.89
C LEU A 517 -19.69 0.42 -0.10
N GLU A 518 -20.20 -0.77 0.23
CA GLU A 518 -20.21 -1.86 -0.75
C GLU A 518 -21.22 -1.62 -1.87
N LYS A 519 -22.32 -0.94 -1.57
CA LYS A 519 -23.38 -0.71 -2.55
C LYS A 519 -23.19 0.56 -3.34
N VAL A 520 -22.52 1.55 -2.77
CA VAL A 520 -22.46 2.89 -3.35
C VAL A 520 -21.00 3.29 -3.46
N ASP A 521 -20.63 3.82 -4.62
CA ASP A 521 -19.32 4.45 -4.80
C ASP A 521 -19.46 5.89 -4.34
N ILE A 522 -19.11 6.13 -3.08
CA ILE A 522 -19.42 7.41 -2.45
C ILE A 522 -18.66 8.55 -3.12
N LYS A 523 -17.42 8.29 -3.55
CA LYS A 523 -16.64 9.35 -4.18
C LYS A 523 -17.25 9.77 -5.51
N LYS A 524 -17.69 8.80 -6.31
CA LYS A 524 -18.30 9.14 -7.60
C LYS A 524 -19.67 9.78 -7.43
N VAL A 525 -20.47 9.25 -6.50
CA VAL A 525 -21.84 9.72 -6.37
C VAL A 525 -21.89 11.15 -5.82
N ARG A 526 -21.05 11.46 -4.84
CA ARG A 526 -20.97 12.85 -4.37
C ARG A 526 -20.45 13.77 -5.47
N ALA A 527 -19.40 13.35 -6.19
CA ALA A 527 -18.87 14.20 -7.25
C ALA A 527 -19.90 14.43 -8.34
N SER A 528 -20.77 13.46 -8.60
CA SER A 528 -21.73 13.61 -9.69
C SER A 528 -22.64 14.80 -9.48
N VAL A 529 -22.92 15.17 -8.23
CA VAL A 529 -23.75 16.35 -7.96
C VAL A 529 -23.04 17.60 -8.47
N LEU A 530 -21.73 17.69 -8.24
CA LEU A 530 -20.98 18.88 -8.65
C LEU A 530 -20.89 18.98 -10.16
N TYR A 531 -20.59 17.88 -10.84
CA TYR A 531 -20.53 17.94 -12.30
C TYR A 531 -21.90 18.22 -12.89
N ASN A 532 -22.97 17.74 -12.24
N ASN A 532 -22.98 17.73 -12.26
CA ASN A 532 -24.32 18.03 -12.71
CA ASN A 532 -24.31 18.04 -12.73
C ASN A 532 -24.62 19.53 -12.61
C ASN A 532 -24.60 19.53 -12.63
N GLN A 533 -24.15 20.19 -11.55
CA GLN A 533 -24.34 21.63 -11.45
C GLN A 533 -23.59 22.34 -12.58
N ASP A 534 -22.35 21.95 -12.83
CA ASP A 534 -21.56 22.54 -13.90
C ASP A 534 -22.27 22.42 -15.25
N GLU A 535 -22.78 21.23 -15.56
CA GLU A 535 -23.45 21.02 -16.84
C GLU A 535 -24.63 21.98 -17.05
N HIS A 536 -25.31 22.35 -15.97
CA HIS A 536 -26.55 23.10 -16.09
C HIS A 536 -26.39 24.59 -15.80
N LEU A 537 -25.21 25.03 -15.35
CA LEU A 537 -25.01 26.44 -15.07
C LEU A 537 -24.77 27.19 -16.37
N SER A 538 -25.33 28.40 -16.46
CA SER A 538 -25.15 29.21 -17.66
C SER A 538 -23.69 29.63 -17.83
N LYS A 539 -23.04 30.03 -16.75
CA LYS A 539 -21.63 30.42 -16.77
C LYS A 539 -20.81 29.24 -16.27
N ARG A 540 -19.83 28.80 -17.07
CA ARG A 540 -19.02 27.64 -16.72
C ARG A 540 -17.52 27.98 -16.65
N LYS A 541 -17.19 29.25 -16.64
CA LYS A 541 -15.83 29.73 -16.47
C LYS A 541 -15.82 30.75 -15.35
N SER A 542 -14.79 30.66 -14.51
CA SER A 542 -14.72 31.50 -13.31
C SER A 542 -14.72 32.99 -13.67
N HIS A 543 -14.06 33.36 -14.75
CA HIS A 543 -13.97 34.76 -15.13
C HIS A 543 -15.25 35.31 -15.75
N GLU A 544 -16.28 34.48 -15.91
CA GLU A 544 -17.59 34.94 -16.36
C GLU A 544 -18.56 35.17 -15.23
N ASN A 545 -18.17 34.88 -13.98
CA ASN A 545 -18.99 35.13 -12.80
C ASN A 545 -19.24 36.64 -12.67
N THR A 546 -20.49 37.07 -12.82
CA THR A 546 -20.76 38.50 -12.92
C THR A 546 -20.49 39.22 -11.60
N ALA A 547 -20.83 38.60 -10.47
CA ALA A 547 -20.55 39.23 -9.18
C ALA A 547 -19.04 39.36 -8.95
N LEU A 548 -18.29 38.35 -9.38
CA LEU A 548 -16.84 38.41 -9.26
C LEU A 548 -16.28 39.53 -10.13
N VAL A 549 -16.75 39.62 -11.38
CA VAL A 549 -16.30 40.69 -12.27
C VAL A 549 -16.52 42.06 -11.65
N LYS A 550 -17.71 42.26 -11.05
CA LYS A 550 -17.98 43.53 -10.38
C LYS A 550 -17.01 43.78 -9.24
N MET A 551 -16.71 42.75 -8.45
CA MET A 551 -15.79 42.93 -7.33
C MET A 551 -14.40 43.32 -7.81
N TYR A 552 -13.90 42.67 -8.86
CA TYR A 552 -12.60 43.05 -9.39
C TYR A 552 -12.64 44.45 -9.99
N GLN A 553 -13.68 44.77 -10.75
CA GLN A 553 -13.74 46.08 -11.40
C GLN A 553 -13.83 47.21 -10.39
N ASN A 554 -14.57 46.99 -9.30
CA ASN A 554 -14.84 48.07 -8.36
C ASN A 554 -13.89 48.12 -7.17
N TYR A 555 -13.18 47.03 -6.88
CA TYR A 555 -12.40 46.96 -5.65
C TYR A 555 -10.96 46.46 -5.83
N PHE A 556 -10.77 45.28 -6.42
CA PHE A 556 -9.45 44.68 -6.46
C PHE A 556 -8.62 45.06 -7.68
N GLY A 557 -9.25 45.48 -8.77
CA GLY A 557 -8.49 45.80 -9.97
C GLY A 557 -8.17 44.58 -10.82
N LYS A 558 -6.95 44.47 -11.31
CA LYS A 558 -6.64 43.38 -12.22
C LYS A 558 -6.04 42.20 -11.45
N PRO A 559 -6.43 40.96 -11.79
CA PRO A 559 -5.88 39.80 -11.07
C PRO A 559 -4.38 39.69 -11.25
N GLY A 560 -3.73 39.14 -10.24
CA GLY A 560 -2.30 38.87 -10.31
C GLY A 560 -1.40 40.07 -10.20
N GLU A 561 -1.95 41.26 -9.98
CA GLU A 561 -1.13 42.46 -9.81
C GLU A 561 -1.82 43.37 -8.81
N GLY A 562 -1.13 44.45 -8.45
CA GLY A 562 -1.72 45.50 -7.66
C GLY A 562 -2.28 45.00 -6.34
N ARG A 563 -3.45 45.53 -5.97
CA ARG A 563 -4.09 45.17 -4.71
C ARG A 563 -4.44 43.69 -4.68
N ALA A 564 -4.80 43.10 -5.82
CA ALA A 564 -5.12 41.67 -5.84
C ALA A 564 -3.92 40.84 -5.45
N HIS A 565 -2.74 41.17 -5.97
CA HIS A 565 -1.54 40.45 -5.56
C HIS A 565 -1.25 40.66 -4.09
N GLU A 566 -1.49 41.87 -3.58
CA GLU A 566 -1.01 42.22 -2.25
C GLU A 566 -1.82 41.53 -1.15
N ILE A 567 -3.12 41.33 -1.36
CA ILE A 567 -3.95 40.81 -0.29
C ILE A 567 -4.56 39.44 -0.56
N LEU A 568 -4.64 38.99 -1.81
CA LEU A 568 -5.29 37.72 -2.14
C LEU A 568 -4.30 36.56 -2.30
N HIS A 569 -3.01 36.82 -2.08
CA HIS A 569 -1.97 35.82 -2.24
C HIS A 569 -1.29 35.52 -0.90
N PHE A 570 -0.59 34.38 -0.87
CA PHE A 570 0.07 33.88 0.33
C PHE A 570 1.20 32.94 -0.08
N LYS A 571 2.39 33.16 0.46
CA LYS A 571 3.54 32.31 0.21
C LYS A 571 3.94 31.54 1.47
N TYR A 572 4.24 30.26 1.31
CA TYR A 572 4.75 29.45 2.42
C TYR A 572 6.27 29.55 2.47
N LYS A 573 6.77 30.37 3.39
CA LYS A 573 8.20 30.58 3.51
C LYS A 573 8.80 29.63 4.54
N LYS B 2 -26.65 -4.87 -14.30
CA LYS B 2 -26.44 -4.14 -15.55
C LYS B 2 -25.99 -5.05 -16.68
N THR B 3 -26.28 -4.63 -17.91
CA THR B 3 -26.00 -5.42 -19.10
C THR B 3 -24.82 -4.82 -19.87
N ILE B 4 -23.90 -5.69 -20.30
CA ILE B 4 -22.71 -5.31 -21.04
C ILE B 4 -22.66 -6.16 -22.30
N ILE B 5 -22.33 -5.53 -23.43
CA ILE B 5 -22.05 -6.25 -24.66
C ILE B 5 -20.54 -6.24 -24.87
N ILE B 6 -19.94 -7.42 -24.93
CA ILE B 6 -18.52 -7.57 -25.21
C ILE B 6 -18.41 -8.47 -26.42
N ASN B 7 -18.08 -7.88 -27.57
CA ASN B 7 -17.86 -8.64 -28.81
C ASN B 7 -19.12 -9.37 -29.25
N GLY B 8 -20.28 -8.77 -29.01
CA GLY B 8 -21.54 -9.42 -29.32
C GLY B 8 -22.18 -10.08 -28.11
N VAL B 9 -21.42 -10.93 -27.41
CA VAL B 9 -21.94 -11.63 -26.24
C VAL B 9 -22.41 -10.63 -25.21
N GLN B 10 -23.64 -10.81 -24.75
CA GLN B 10 -24.22 -9.92 -23.74
C GLN B 10 -24.09 -10.55 -22.36
N PHE B 11 -23.69 -9.75 -21.39
CA PHE B 11 -23.55 -10.17 -20.01
C PHE B 11 -24.37 -9.26 -19.11
N ASN B 12 -25.02 -9.85 -18.11
CA ASN B 12 -25.71 -9.11 -17.07
C ASN B 12 -24.93 -9.25 -15.77
N THR B 13 -24.65 -8.13 -15.11
CA THR B 13 -23.79 -8.17 -13.93
C THR B 13 -23.99 -6.92 -13.09
N ASP B 14 -23.72 -7.06 -11.80
CA ASP B 14 -23.70 -5.94 -10.87
C ASP B 14 -22.29 -5.65 -10.37
N GLU B 15 -21.28 -6.31 -10.93
CA GLU B 15 -19.90 -6.09 -10.54
C GLU B 15 -19.53 -4.61 -10.70
N ASP B 16 -18.58 -4.16 -9.89
CA ASP B 16 -18.08 -2.79 -9.96
C ASP B 16 -16.56 -2.85 -10.15
N THR B 17 -16.14 -3.32 -11.33
CA THR B 17 -14.74 -3.60 -11.62
C THR B 17 -14.39 -3.03 -12.99
N THR B 18 -13.12 -3.17 -13.37
CA THR B 18 -12.64 -2.65 -14.63
C THR B 18 -13.06 -3.55 -15.78
N ILE B 19 -12.99 -2.98 -17.00
CA ILE B 19 -13.21 -3.78 -18.21
C ILE B 19 -12.28 -4.97 -18.23
N LEU B 20 -11.00 -4.76 -17.90
CA LEU B 20 -10.01 -5.83 -17.95
C LEU B 20 -10.38 -6.95 -16.99
N LYS B 21 -10.70 -6.61 -15.73
CA LYS B 21 -11.01 -7.63 -14.74
C LYS B 21 -12.30 -8.37 -15.09
N PHE B 22 -13.33 -7.65 -15.55
CA PHE B 22 -14.56 -8.32 -15.94
C PHE B 22 -14.32 -9.28 -17.10
N ALA B 23 -13.50 -8.86 -18.08
CA ALA B 23 -13.24 -9.72 -19.24
C ALA B 23 -12.42 -10.94 -18.85
N ARG B 24 -11.46 -10.78 -17.93
CA ARG B 24 -10.67 -11.91 -17.48
C ARG B 24 -11.54 -12.94 -16.76
N ASP B 25 -12.59 -12.49 -16.09
CA ASP B 25 -13.50 -13.38 -15.38
C ASP B 25 -14.47 -14.10 -16.31
N ASN B 26 -14.55 -13.71 -17.58
CA ASN B 26 -15.46 -14.32 -18.54
C ASN B 26 -14.72 -14.95 -19.72
N ASN B 27 -13.45 -15.28 -19.55
CA ASN B 27 -12.62 -15.85 -20.62
C ASN B 27 -12.60 -14.97 -21.87
N ILE B 28 -12.78 -13.67 -21.70
CA ILE B 28 -12.70 -12.71 -22.80
C ILE B 28 -11.28 -12.17 -22.80
N ASP B 29 -10.50 -12.49 -23.82
CA ASP B 29 -9.09 -12.13 -23.83
C ASP B 29 -8.93 -10.64 -24.10
N ILE B 30 -8.27 -9.95 -23.17
CA ILE B 30 -7.79 -8.59 -23.35
C ILE B 30 -6.33 -8.59 -22.95
N SER B 31 -5.47 -8.12 -23.85
CA SER B 31 -4.05 -8.08 -23.54
C SER B 31 -3.78 -6.98 -22.52
N ALA B 32 -2.67 -7.15 -21.80
CA ALA B 32 -2.17 -6.13 -20.89
C ALA B 32 -0.66 -6.26 -20.83
N LEU B 33 0.00 -5.16 -20.49
CA LEU B 33 1.44 -5.22 -20.29
C LEU B 33 1.83 -4.49 -19.02
N CYS B 34 1.60 -3.18 -18.94
CA CYS B 34 2.06 -2.45 -17.76
C CYS B 34 1.20 -2.68 -16.53
N PHE B 35 0.02 -3.28 -16.68
CA PHE B 35 -0.83 -3.56 -15.53
C PHE B 35 -0.36 -4.83 -14.82
N LEU B 36 -0.14 -4.73 -13.51
CA LEU B 36 0.24 -5.89 -12.71
C LEU B 36 -0.13 -5.57 -11.29
N ASN B 37 -0.73 -6.55 -10.61
CA ASN B 37 -1.03 -6.41 -9.19
C ASN B 37 -1.82 -5.13 -8.92
N ASN B 38 -2.83 -4.92 -9.76
CA ASN B 38 -3.82 -3.86 -9.57
C ASN B 38 -3.26 -2.45 -9.73
N CYS B 39 -2.09 -2.30 -10.37
CA CYS B 39 -1.57 -0.99 -10.73
C CYS B 39 -1.07 -1.03 -12.16
N ASN B 40 -1.27 0.06 -12.89
CA ASN B 40 -0.62 0.23 -14.19
C ASN B 40 0.42 1.34 -14.07
N ASN B 41 1.02 1.70 -15.19
CA ASN B 41 2.05 2.74 -15.24
C ASN B 41 1.33 4.07 -15.48
N ASP B 42 1.11 4.83 -14.41
CA ASP B 42 0.16 5.95 -14.50
C ASP B 42 0.63 7.03 -15.47
N ILE B 43 1.93 7.25 -15.52
CA ILE B 43 2.54 8.17 -16.47
C ILE B 43 3.04 7.34 -17.64
N ASN B 44 2.66 7.74 -18.86
CA ASN B 44 3.07 7.01 -20.07
C ASN B 44 2.56 5.56 -20.07
N LYS B 45 1.26 5.39 -19.83
CA LYS B 45 0.70 4.04 -19.77
C LYS B 45 0.85 3.35 -21.12
N CYS B 46 0.94 2.02 -21.09
CA CYS B 46 1.33 1.29 -22.29
C CYS B 46 0.22 1.23 -23.33
N GLU B 47 -1.05 1.30 -22.91
CA GLU B 47 -2.21 1.20 -23.79
C GLU B 47 -2.34 -0.15 -24.51
N ILE B 48 -1.63 -1.19 -24.05
CA ILE B 48 -1.79 -2.52 -24.63
C ILE B 48 -3.16 -3.11 -24.33
N CYS B 49 -3.81 -2.65 -23.25
CA CYS B 49 -5.16 -3.08 -22.89
C CYS B 49 -6.24 -2.28 -23.61
N THR B 50 -5.91 -1.67 -24.75
CA THR B 50 -6.89 -0.86 -25.45
C THR B 50 -8.09 -1.69 -25.91
N VAL B 51 -9.28 -1.13 -25.71
CA VAL B 51 -10.51 -1.68 -26.26
C VAL B 51 -11.32 -0.53 -26.85
N GLU B 52 -12.35 -0.90 -27.61
CA GLU B 52 -13.23 0.06 -28.25
C GLU B 52 -14.54 0.08 -27.47
N VAL B 53 -14.92 1.23 -26.94
CA VAL B 53 -16.22 1.46 -26.33
C VAL B 53 -16.99 2.39 -27.26
N GLU B 54 -18.03 1.86 -27.90
CA GLU B 54 -18.75 2.63 -28.90
C GLU B 54 -19.46 3.82 -28.26
N GLY B 55 -19.34 4.98 -28.92
CA GLY B 55 -19.80 6.23 -28.37
C GLY B 55 -18.74 7.02 -27.65
N THR B 56 -17.67 6.37 -27.20
CA THR B 56 -16.56 7.03 -26.54
C THR B 56 -15.24 6.89 -27.29
N GLY B 57 -14.96 5.72 -27.85
CA GLY B 57 -13.72 5.51 -28.59
C GLY B 57 -12.80 4.55 -27.89
N LEU B 58 -11.51 4.67 -28.14
CA LEU B 58 -10.51 3.78 -27.56
C LEU B 58 -10.25 4.16 -26.11
N VAL B 59 -10.31 3.17 -25.22
CA VAL B 59 -10.03 3.37 -23.80
C VAL B 59 -9.09 2.26 -23.32
N THR B 60 -8.41 2.52 -22.21
CA THR B 60 -7.55 1.53 -21.58
C THR B 60 -8.41 0.67 -20.64
N ALA B 61 -8.54 -0.62 -20.95
CA ALA B 61 -9.40 -1.49 -20.18
C ALA B 61 -8.92 -1.67 -18.74
N CYS B 62 -7.62 -1.57 -18.50
CA CYS B 62 -7.08 -1.92 -17.19
C CYS B 62 -7.42 -0.90 -16.12
N ASP B 63 -7.83 0.32 -16.52
CA ASP B 63 -8.14 1.32 -15.50
C ASP B 63 -9.43 2.07 -15.80
N THR B 64 -10.33 1.48 -16.57
CA THR B 64 -11.62 2.05 -16.89
C THR B 64 -12.71 1.12 -16.35
N LEU B 65 -13.66 1.68 -15.62
CA LEU B 65 -14.69 0.87 -14.99
C LEU B 65 -15.82 0.58 -15.97
N ILE B 66 -16.41 -0.61 -15.82
CA ILE B 66 -17.57 -0.98 -16.63
C ILE B 66 -18.79 -0.15 -16.23
N GLU B 67 -19.73 -0.04 -17.17
CA GLU B 67 -20.96 0.72 -16.96
C GLU B 67 -22.06 0.10 -17.81
N ASP B 68 -23.29 0.14 -17.30
CA ASP B 68 -24.42 -0.46 -18.01
C ASP B 68 -24.54 0.10 -19.42
N GLY B 69 -25.00 -0.75 -20.34
CA GLY B 69 -25.17 -0.37 -21.73
C GLY B 69 -23.89 -0.27 -22.51
N MET B 70 -22.73 -0.40 -21.88
CA MET B 70 -21.46 -0.36 -22.59
C MET B 70 -21.42 -1.50 -23.60
N ILE B 71 -21.13 -1.16 -24.85
CA ILE B 71 -20.80 -2.15 -25.87
C ILE B 71 -19.32 -2.03 -26.17
N ILE B 72 -18.60 -3.12 -25.96
CA ILE B 72 -17.15 -3.13 -25.98
C ILE B 72 -16.69 -4.07 -27.08
N ASN B 73 -15.79 -3.58 -27.93
CA ASN B 73 -15.11 -4.41 -28.92
C ASN B 73 -13.64 -4.50 -28.53
N THR B 74 -13.16 -5.74 -28.37
CA THR B 74 -11.78 -6.00 -27.98
C THR B 74 -10.89 -6.39 -29.14
N ASN B 75 -11.47 -6.68 -30.32
CA ASN B 75 -10.72 -7.24 -31.45
C ASN B 75 -11.05 -6.55 -32.77
N SER B 76 -11.53 -5.31 -32.76
CA SER B 76 -11.80 -4.59 -33.99
C SER B 76 -10.50 -4.14 -34.64
N ASP B 77 -10.62 -3.61 -35.85
CA ASP B 77 -9.43 -3.20 -36.60
C ASP B 77 -8.74 -2.01 -35.96
N ALA B 78 -9.51 -1.03 -35.49
CA ALA B 78 -8.91 0.16 -34.88
C ALA B 78 -8.22 -0.18 -33.57
N VAL B 79 -8.78 -1.11 -32.80
CA VAL B 79 -8.13 -1.58 -31.59
C VAL B 79 -6.83 -2.30 -31.93
N ASN B 80 -6.88 -3.16 -32.95
CA ASN B 80 -5.74 -4.02 -33.25
C ASN B 80 -4.58 -3.21 -33.80
N GLU B 81 -4.86 -2.22 -34.66
CA GLU B 81 -3.76 -1.39 -35.16
C GLU B 81 -3.16 -0.53 -34.04
N LYS B 82 -3.98 -0.09 -33.09
CA LYS B 82 -3.46 0.67 -31.95
C LYS B 82 -2.50 -0.18 -31.14
N ILE B 83 -2.91 -1.39 -30.77
CA ILE B 83 -2.07 -2.25 -29.93
C ILE B 83 -0.79 -2.62 -30.67
N LYS B 84 -0.92 -3.02 -31.94
CA LYS B 84 0.26 -3.36 -32.74
C LYS B 84 1.22 -2.18 -32.81
N SER B 85 0.69 -0.97 -32.99
CA SER B 85 1.52 0.23 -33.01
C SER B 85 2.28 0.40 -31.70
N ARG B 86 1.60 0.20 -30.57
CA ARG B 86 2.27 0.35 -29.28
C ARG B 86 3.37 -0.68 -29.10
N ILE B 87 3.12 -1.94 -29.50
CA ILE B 87 4.16 -2.96 -29.38
C ILE B 87 5.32 -2.65 -30.32
N SER B 88 5.02 -2.21 -31.55
CA SER B 88 6.05 -1.79 -32.50
C SER B 88 6.92 -0.67 -31.92
N GLN B 89 6.29 0.31 -31.24
CA GLN B 89 7.08 1.39 -30.65
C GLN B 89 7.97 0.89 -29.52
N LEU B 90 7.53 -0.12 -28.76
CA LEU B 90 8.39 -0.72 -27.74
C LEU B 90 9.53 -1.49 -28.39
N LEU B 91 9.26 -2.19 -29.48
CA LEU B 91 10.33 -2.89 -30.18
C LEU B 91 11.38 -1.92 -30.73
N ASP B 92 10.97 -0.69 -31.05
CA ASP B 92 11.92 0.34 -31.49
C ASP B 92 12.92 0.73 -30.41
N ILE B 93 12.67 0.38 -29.14
CA ILE B 93 13.63 0.63 -28.08
C ILE B 93 14.12 -0.67 -27.45
N HIS B 94 13.98 -1.80 -28.14
CA HIS B 94 14.25 -3.11 -27.58
C HIS B 94 15.26 -3.84 -28.46
N GLU B 95 16.36 -4.29 -27.86
CA GLU B 95 17.32 -5.11 -28.60
C GLU B 95 16.70 -6.49 -28.71
N PHE B 96 16.07 -6.77 -29.85
CA PHE B 96 15.20 -7.91 -30.05
C PHE B 96 16.06 -9.05 -30.57
N LYS B 97 16.78 -9.70 -29.64
CA LYS B 97 17.75 -10.74 -29.95
C LYS B 97 17.54 -11.85 -28.93
N CYS B 98 16.52 -12.67 -29.16
CA CYS B 98 16.10 -13.64 -28.15
C CYS B 98 17.05 -14.81 -28.03
N GLY B 99 17.87 -15.08 -29.06
CA GLY B 99 18.74 -16.23 -29.06
C GLY B 99 19.51 -16.45 -27.77
N PRO B 100 20.33 -15.47 -27.38
CA PRO B 100 21.11 -15.59 -26.13
C PRO B 100 20.44 -15.00 -24.91
N CYS B 101 19.17 -14.60 -25.02
CA CYS B 101 18.50 -13.87 -23.95
C CYS B 101 18.08 -14.80 -22.83
N ASN B 102 18.23 -14.33 -21.58
CA ASN B 102 17.91 -15.19 -20.44
C ASN B 102 16.42 -15.37 -20.19
N ARG B 103 15.55 -14.67 -20.93
CA ARG B 103 14.12 -14.88 -20.82
C ARG B 103 13.53 -15.56 -22.06
N ARG B 104 14.39 -16.10 -22.94
CA ARG B 104 13.92 -16.62 -24.23
C ARG B 104 12.77 -17.60 -24.10
N GLU B 105 12.79 -18.46 -23.08
CA GLU B 105 11.78 -19.51 -22.97
C GLU B 105 10.49 -19.09 -22.28
N ASN B 106 10.46 -17.96 -21.58
CA ASN B 106 9.25 -17.58 -20.85
C ASN B 106 9.07 -16.06 -20.77
N CYS B 107 9.43 -15.36 -21.84
CA CYS B 107 9.35 -13.92 -21.87
C CYS B 107 7.90 -13.47 -22.07
N GLU B 108 7.41 -12.60 -21.20
CA GLU B 108 6.01 -12.20 -21.30
C GLU B 108 5.82 -11.23 -22.47
N PHE B 109 6.80 -10.35 -22.70
CA PHE B 109 6.74 -9.44 -23.85
C PHE B 109 6.77 -10.21 -25.17
N LEU B 110 7.66 -11.19 -25.29
CA LEU B 110 7.69 -11.99 -26.52
C LEU B 110 6.35 -12.65 -26.79
N LYS B 111 5.67 -13.13 -25.74
CA LYS B 111 4.34 -13.71 -25.94
C LYS B 111 3.41 -12.70 -26.59
N LEU B 112 3.47 -11.44 -26.13
CA LEU B 112 2.66 -10.38 -26.71
C LEU B 112 3.07 -10.09 -28.16
N VAL B 113 4.37 -10.00 -28.41
CA VAL B 113 4.88 -9.77 -29.77
C VAL B 113 4.37 -10.87 -30.71
N ILE B 114 4.43 -12.12 -30.27
CA ILE B 114 3.95 -13.24 -31.08
C ILE B 114 2.45 -13.15 -31.30
N LYS B 115 1.70 -12.75 -30.27
CA LYS B 115 0.25 -12.71 -30.38
C LYS B 115 -0.20 -11.75 -31.48
N TYR B 116 0.45 -10.58 -31.60
CA TYR B 116 0.07 -9.57 -32.56
C TYR B 116 0.95 -9.58 -33.80
N LYS B 117 1.99 -10.42 -33.80
CA LYS B 117 2.98 -10.45 -34.88
C LYS B 117 3.53 -9.04 -35.16
N ALA B 118 3.78 -8.31 -34.08
CA ALA B 118 4.30 -6.96 -34.20
C ALA B 118 5.81 -7.00 -34.41
N ARG B 119 6.33 -6.00 -35.13
CA ARG B 119 7.76 -5.85 -35.31
C ARG B 119 8.13 -4.38 -35.18
N ALA B 120 9.42 -4.13 -34.97
CA ALA B 120 9.91 -2.76 -34.92
C ALA B 120 9.72 -2.07 -36.26
N SER B 121 9.53 -0.76 -36.21
CA SER B 121 9.67 0.05 -37.43
C SER B 121 11.14 0.18 -37.80
N LYS B 122 12.01 0.28 -36.80
CA LYS B 122 13.45 0.38 -36.98
C LYS B 122 14.14 -0.45 -35.91
N PRO B 123 14.74 -1.59 -36.27
CA PRO B 123 15.37 -2.45 -35.26
C PRO B 123 16.40 -1.68 -34.43
N PHE B 124 16.33 -1.88 -33.12
CA PHE B 124 17.25 -1.25 -32.17
C PHE B 124 18.43 -2.18 -32.00
N LEU B 125 19.60 -1.76 -32.50
CA LEU B 125 20.77 -2.63 -32.59
C LEU B 125 22.02 -1.90 -32.12
N PRO B 126 22.07 -1.54 -30.83
CA PRO B 126 23.24 -0.80 -30.32
C PRO B 126 24.50 -1.63 -30.51
N LYS B 127 25.53 -1.01 -31.05
CA LYS B 127 26.77 -1.71 -31.32
C LYS B 127 27.62 -1.89 -30.08
N ASP B 128 27.44 -1.03 -29.08
CA ASP B 128 28.19 -1.09 -27.83
C ASP B 128 27.15 -0.98 -26.71
N LYS B 129 26.89 -2.10 -26.05
CA LYS B 129 25.86 -2.17 -25.01
C LYS B 129 26.36 -1.69 -23.66
N THR B 130 27.66 -1.46 -23.50
CA THR B 130 28.20 -1.22 -22.16
C THR B 130 27.48 -0.11 -21.42
N GLU B 131 27.10 0.97 -22.11
CA GLU B 131 26.44 2.09 -21.44
C GLU B 131 25.05 1.70 -20.93
N TYR B 132 24.44 0.65 -21.48
CA TYR B 132 23.09 0.25 -21.10
C TYR B 132 23.06 -0.78 -19.98
N VAL B 133 24.20 -1.35 -19.62
CA VAL B 133 24.27 -2.51 -18.75
C VAL B 133 24.91 -2.07 -17.44
N ASP B 134 24.31 -2.46 -16.33
CA ASP B 134 24.88 -2.21 -15.01
C ASP B 134 24.96 -3.53 -14.26
N GLU B 135 26.18 -4.06 -14.15
CA GLU B 135 26.43 -5.32 -13.45
C GLU B 135 27.26 -5.10 -12.18
N ARG B 136 27.26 -3.89 -11.62
CA ARG B 136 28.09 -3.61 -10.45
C ARG B 136 27.60 -4.30 -9.19
N SER B 137 26.29 -4.57 -9.08
CA SER B 137 25.75 -5.11 -7.85
C SER B 137 26.14 -6.57 -7.66
N LYS B 138 26.26 -6.98 -6.40
CA LYS B 138 26.45 -8.40 -6.08
C LYS B 138 25.21 -9.24 -6.33
N SER B 139 24.04 -8.60 -6.54
CA SER B 139 22.77 -9.34 -6.57
C SER B 139 21.93 -9.07 -7.79
N LEU B 140 21.88 -7.82 -8.28
CA LEU B 140 20.96 -7.39 -9.31
C LEU B 140 21.71 -6.82 -10.48
N THR B 141 21.21 -7.06 -11.69
CA THR B 141 21.77 -6.43 -12.88
C THR B 141 20.66 -5.82 -13.72
N VAL B 142 21.03 -4.78 -14.47
CA VAL B 142 20.12 -4.07 -15.35
C VAL B 142 20.68 -4.11 -16.75
N ASP B 143 19.82 -4.41 -17.72
CA ASP B 143 20.15 -4.34 -19.14
C ASP B 143 19.10 -3.45 -19.79
N ARG B 144 19.43 -2.17 -19.95
CA ARG B 144 18.41 -1.25 -20.41
C ARG B 144 18.11 -1.41 -21.89
N THR B 145 18.89 -2.19 -22.63
CA THR B 145 18.48 -2.48 -24.00
C THR B 145 17.22 -3.31 -24.08
N LYS B 146 16.76 -3.87 -22.96
CA LYS B 146 15.54 -4.66 -22.92
C LYS B 146 14.38 -3.96 -22.24
N CYS B 147 14.62 -2.79 -21.65
CA CYS B 147 13.64 -2.18 -20.75
C CYS B 147 12.53 -1.51 -21.55
N LEU B 148 11.28 -1.83 -21.19
CA LEU B 148 10.07 -1.29 -21.83
C LEU B 148 9.55 -0.03 -21.15
N LEU B 149 10.17 0.39 -20.05
CA LEU B 149 9.73 1.56 -19.29
C LEU B 149 8.28 1.39 -18.85
N CYS B 150 7.92 0.15 -18.52
CA CYS B 150 6.56 -0.20 -18.12
C CYS B 150 6.26 0.11 -16.65
N GLY B 151 7.29 0.36 -15.83
CA GLY B 151 7.08 0.72 -14.44
C GLY B 151 6.72 -0.43 -13.53
N ARG B 152 6.69 -1.68 -14.02
CA ARG B 152 6.27 -2.76 -13.13
C ARG B 152 7.24 -2.97 -11.98
N CYS B 153 8.53 -2.78 -12.23
CA CYS B 153 9.53 -2.95 -11.18
C CYS B 153 9.40 -1.85 -10.13
N VAL B 154 9.13 -0.61 -10.56
CA VAL B 154 8.98 0.51 -9.64
C VAL B 154 7.76 0.30 -8.75
N ASN B 155 6.63 -0.10 -9.36
CA ASN B 155 5.44 -0.42 -8.58
C ASN B 155 5.68 -1.58 -7.63
N ALA B 156 6.34 -2.64 -8.11
CA ALA B 156 6.59 -3.80 -7.24
C ALA B 156 7.51 -3.45 -6.08
N CYS B 157 8.54 -2.65 -6.32
CA CYS B 157 9.42 -2.23 -5.24
C CYS B 157 8.64 -1.43 -4.20
N GLY B 158 7.84 -0.48 -4.66
CA GLY B 158 7.06 0.34 -3.75
C GLY B 158 6.10 -0.48 -2.91
N LYS B 159 5.38 -1.41 -3.53
CA LYS B 159 4.39 -2.20 -2.80
C LYS B 159 5.02 -3.25 -1.92
N ASN B 160 6.08 -3.93 -2.40
CA ASN B 160 6.65 -5.06 -1.67
C ASN B 160 7.61 -4.61 -0.58
N THR B 161 8.32 -3.50 -0.77
CA THR B 161 9.31 -3.07 0.20
C THR B 161 9.10 -1.68 0.75
N GLU B 162 8.43 -0.79 0.01
N GLU B 162 8.45 -0.79 0.00
CA GLU B 162 8.28 0.62 0.38
CA GLU B 162 8.28 0.62 0.34
C GLU B 162 9.60 1.38 0.40
C GLU B 162 9.59 1.40 0.35
N THR B 163 10.69 0.79 -0.10
CA THR B 163 11.96 1.53 -0.18
C THR B 163 11.97 2.48 -1.36
N TYR B 164 11.26 2.15 -2.45
CA TYR B 164 11.35 2.90 -3.69
C TYR B 164 12.80 3.03 -4.17
N ALA B 165 13.61 2.01 -3.92
CA ALA B 165 14.99 2.04 -4.38
C ALA B 165 15.09 2.02 -5.89
N MET B 166 14.10 1.42 -6.56
CA MET B 166 13.97 1.41 -8.03
C MET B 166 13.08 2.57 -8.46
N LYS B 167 13.59 3.43 -9.34
N LYS B 167 13.56 3.39 -9.38
CA LYS B 167 12.91 4.66 -9.72
CA LYS B 167 12.75 4.54 -9.76
C LYS B 167 13.06 4.91 -11.22
C LYS B 167 13.06 4.94 -11.20
N PHE B 168 12.15 5.73 -11.76
CA PHE B 168 12.39 6.38 -13.05
C PHE B 168 13.36 7.54 -12.84
N LEU B 169 14.32 7.66 -13.76
CA LEU B 169 15.30 8.74 -13.76
C LEU B 169 15.35 9.36 -15.15
N ASN B 170 15.73 10.63 -15.21
CA ASN B 170 16.05 11.28 -16.47
C ASN B 170 17.56 11.32 -16.64
N LYS B 171 18.05 10.72 -17.72
CA LYS B 171 19.48 10.65 -18.02
C LYS B 171 19.69 11.26 -19.39
N ASN B 172 20.24 12.49 -19.43
CA ASN B 172 20.56 13.20 -20.68
C ASN B 172 19.34 13.32 -21.59
N GLY B 173 18.18 13.55 -21.00
CA GLY B 173 16.95 13.66 -21.76
C GLY B 173 16.26 12.35 -22.07
N LYS B 174 16.83 11.21 -21.65
CA LYS B 174 16.20 9.92 -21.83
C LYS B 174 15.72 9.38 -20.49
N THR B 175 14.58 8.71 -20.50
CA THR B 175 14.05 8.10 -19.30
C THR B 175 14.65 6.71 -19.14
N ILE B 176 15.10 6.40 -17.93
CA ILE B 176 15.63 5.09 -17.61
C ILE B 176 15.10 4.69 -16.24
N ILE B 177 15.23 3.40 -15.92
N ILE B 177 15.36 3.43 -15.90
CA ILE B 177 15.02 2.98 -14.54
CA ILE B 177 15.05 2.88 -14.60
C ILE B 177 16.38 2.73 -13.90
C ILE B 177 16.37 2.59 -13.88
N GLY B 178 16.44 2.90 -12.59
CA GLY B 178 17.65 2.63 -11.83
C GLY B 178 17.51 3.16 -10.41
N ALA B 179 18.65 3.20 -9.72
CA ALA B 179 18.68 3.72 -8.36
C ALA B 179 18.99 5.21 -8.40
N GLU B 180 18.71 5.88 -7.28
CA GLU B 180 18.95 7.32 -7.18
C GLU B 180 20.39 7.63 -7.56
N ASP B 181 20.55 8.65 -8.40
CA ASP B 181 21.85 9.11 -8.90
C ASP B 181 22.59 8.02 -9.65
N GLU B 182 21.87 6.99 -10.10
CA GLU B 182 22.45 5.91 -10.89
C GLU B 182 23.52 5.16 -10.10
N LYS B 183 23.35 5.13 -8.78
CA LYS B 183 24.24 4.41 -7.89
C LYS B 183 24.11 2.90 -8.09
N CYS B 184 25.17 2.19 -7.70
CA CYS B 184 25.06 0.75 -7.58
C CYS B 184 24.02 0.41 -6.52
N PHE B 185 23.13 -0.55 -6.83
CA PHE B 185 22.03 -0.83 -5.91
C PHE B 185 22.51 -1.17 -4.50
N ASP B 186 23.68 -1.81 -4.40
CA ASP B 186 24.16 -2.26 -3.11
C ASP B 186 24.47 -1.09 -2.18
N ASP B 187 24.71 0.07 -2.75
CA ASP B 187 25.06 1.27 -2.00
C ASP B 187 23.83 2.09 -1.62
N THR B 188 22.65 1.64 -1.97
CA THR B 188 21.41 2.33 -1.69
C THR B 188 20.65 1.62 -0.57
N ASN B 189 19.42 2.06 -0.32
CA ASN B 189 18.57 1.41 0.67
C ASN B 189 17.95 0.13 0.15
N CYS B 190 18.21 -0.21 -1.11
CA CYS B 190 17.75 -1.45 -1.71
C CYS B 190 18.02 -2.65 -0.82
N LEU B 191 17.03 -3.54 -0.73
CA LEU B 191 17.16 -4.78 0.06
C LEU B 191 17.77 -5.91 -0.74
N LEU B 192 17.93 -5.76 -2.07
CA LEU B 192 18.45 -6.78 -2.96
C LEU B 192 17.55 -8.02 -3.01
N CYS B 193 16.26 -7.83 -2.71
CA CYS B 193 15.28 -8.91 -2.64
C CYS B 193 14.83 -9.42 -4.01
N GLY B 194 15.06 -8.66 -5.07
CA GLY B 194 14.73 -9.10 -6.43
C GLY B 194 13.25 -9.11 -6.77
N GLN B 195 12.38 -8.51 -5.95
CA GLN B 195 10.96 -8.51 -6.32
C GLN B 195 10.74 -7.74 -7.62
N CYS B 196 11.60 -6.74 -7.88
CA CYS B 196 11.56 -6.05 -9.15
C CYS B 196 11.82 -6.98 -10.32
N ILE B 197 12.78 -7.90 -10.19
CA ILE B 197 13.03 -8.90 -11.23
C ILE B 197 11.77 -9.72 -11.49
N ILE B 198 11.13 -10.19 -10.41
CA ILE B 198 9.94 -11.03 -10.53
C ILE B 198 8.84 -10.31 -11.30
N ALA B 199 8.73 -8.99 -11.12
CA ALA B 199 7.70 -8.21 -11.79
C ALA B 199 8.04 -7.85 -13.23
N CYS B 200 9.29 -8.03 -13.64
CA CYS B 200 9.73 -7.55 -14.95
C CYS B 200 9.30 -8.53 -16.05
N PRO B 201 8.66 -8.06 -17.12
CA PRO B 201 8.18 -8.96 -18.18
C PRO B 201 9.24 -9.34 -19.20
N VAL B 202 10.45 -8.80 -19.10
CA VAL B 202 11.52 -9.02 -20.06
C VAL B 202 12.79 -9.31 -19.29
N ALA B 203 13.92 -9.39 -20.00
CA ALA B 203 15.21 -9.64 -19.39
C ALA B 203 15.94 -8.35 -18.98
N ALA B 204 15.19 -7.27 -18.69
CA ALA B 204 15.84 -6.01 -18.35
C ALA B 204 16.46 -6.08 -16.94
N LEU B 205 15.77 -6.73 -16.00
CA LEU B 205 16.33 -6.95 -14.67
C LEU B 205 16.62 -8.43 -14.53
N SER B 206 17.79 -8.75 -13.96
CA SER B 206 18.21 -10.13 -13.77
C SER B 206 19.01 -10.25 -12.48
N GLU B 207 19.21 -11.48 -12.06
CA GLU B 207 20.17 -11.76 -11.02
C GLU B 207 21.59 -11.55 -11.52
N LYS B 208 22.46 -11.13 -10.62
CA LYS B 208 23.90 -11.13 -10.90
C LYS B 208 24.36 -12.56 -11.06
N SER B 209 24.88 -12.90 -12.24
CA SER B 209 25.22 -14.29 -12.56
C SER B 209 26.39 -14.79 -11.73
N HIS B 210 26.24 -15.99 -11.16
CA HIS B 210 27.37 -16.74 -10.61
C HIS B 210 27.70 -17.97 -11.44
N MET B 211 27.18 -18.04 -12.66
CA MET B 211 27.27 -19.28 -13.42
C MET B 211 28.71 -19.55 -13.83
N ASP B 212 29.48 -18.49 -14.13
CA ASP B 212 30.90 -18.64 -14.42
C ASP B 212 31.71 -19.09 -13.19
N ARG B 213 31.43 -18.56 -12.00
CA ARG B 213 32.07 -19.08 -10.79
C ARG B 213 31.88 -20.59 -10.69
N VAL B 214 30.65 -21.04 -10.88
CA VAL B 214 30.35 -22.46 -10.69
C VAL B 214 31.01 -23.30 -11.76
N LYS B 215 30.85 -22.91 -13.03
CA LYS B 215 31.47 -23.68 -14.11
C LYS B 215 32.99 -23.73 -13.96
N ASN B 216 33.60 -22.61 -13.60
CA ASN B 216 35.06 -22.61 -13.45
C ASN B 216 35.51 -23.54 -12.33
N ALA B 217 34.75 -23.58 -11.23
CA ALA B 217 35.07 -24.49 -10.14
C ALA B 217 34.88 -25.95 -10.54
N LEU B 218 33.76 -26.26 -11.19
CA LEU B 218 33.52 -27.63 -11.65
C LEU B 218 34.63 -28.11 -12.58
N ASN B 219 35.11 -27.21 -13.45
CA ASN B 219 36.15 -27.55 -14.42
C ASN B 219 37.56 -27.52 -13.85
N ALA B 220 37.76 -26.89 -12.71
CA ALA B 220 39.09 -26.83 -12.11
C ALA B 220 39.44 -28.19 -11.54
N PRO B 221 40.53 -28.83 -11.96
CA PRO B 221 40.80 -30.21 -11.50
C PRO B 221 40.90 -30.35 -9.99
N GLU B 222 41.46 -29.35 -9.30
CA GLU B 222 41.74 -29.50 -7.87
C GLU B 222 40.57 -29.09 -6.98
N LYS B 223 39.52 -28.49 -7.53
CA LYS B 223 38.39 -28.06 -6.69
C LYS B 223 37.41 -29.21 -6.49
N HIS B 224 36.95 -29.35 -5.25
CA HIS B 224 35.94 -30.34 -4.87
C HIS B 224 34.70 -29.52 -4.59
N VAL B 225 33.72 -29.60 -5.50
CA VAL B 225 32.59 -28.68 -5.49
C VAL B 225 31.41 -29.34 -4.76
N ILE B 226 31.03 -28.76 -3.63
CA ILE B 226 29.86 -29.15 -2.86
C ILE B 226 28.70 -28.30 -3.37
N VAL B 227 27.51 -28.90 -3.44
CA VAL B 227 26.30 -28.15 -3.78
C VAL B 227 25.21 -28.47 -2.76
N ALA B 228 24.41 -27.47 -2.41
CA ALA B 228 23.30 -27.67 -1.49
C ALA B 228 22.20 -26.70 -1.87
N MET B 229 20.96 -27.18 -1.95
N MET B 229 20.96 -27.19 -1.93
CA MET B 229 19.85 -26.34 -2.37
CA MET B 229 19.82 -26.38 -2.36
C MET B 229 18.98 -25.91 -1.19
C MET B 229 18.98 -25.91 -1.18
N ALA B 230 18.40 -24.72 -1.34
CA ALA B 230 17.47 -24.15 -0.37
C ALA B 230 16.17 -24.95 -0.30
N PRO B 231 15.45 -24.84 0.82
CA PRO B 231 14.13 -25.49 0.91
C PRO B 231 13.25 -25.27 -0.31
N SER B 232 13.15 -24.03 -0.78
CA SER B 232 12.15 -23.69 -1.80
C SER B 232 12.48 -24.24 -3.18
N VAL B 233 13.74 -24.55 -3.48
CA VAL B 233 14.10 -24.95 -4.83
C VAL B 233 13.35 -26.22 -5.24
N ARG B 234 13.22 -27.17 -4.32
CA ARG B 234 12.60 -28.47 -4.63
C ARG B 234 11.11 -28.34 -4.85
N ALA B 235 10.52 -27.21 -4.49
CA ALA B 235 9.10 -26.93 -4.64
C ALA B 235 8.81 -26.03 -5.84
N SER B 236 9.84 -25.61 -6.58
N SER B 236 9.82 -25.62 -6.60
CA SER B 236 9.68 -24.55 -7.58
CA SER B 236 9.57 -24.62 -7.63
C SER B 236 10.32 -24.86 -8.92
C SER B 236 10.33 -24.83 -8.94
N ILE B 237 11.49 -25.50 -8.94
CA ILE B 237 12.26 -25.58 -10.17
C ILE B 237 11.53 -26.38 -11.26
N GLY B 238 10.65 -27.29 -10.87
CA GLY B 238 9.89 -28.03 -11.87
C GLY B 238 9.05 -27.15 -12.79
N GLU B 239 8.64 -25.97 -12.32
CA GLU B 239 7.88 -25.05 -13.17
C GLU B 239 8.63 -24.71 -14.45
N LEU B 240 9.95 -24.56 -14.37
CA LEU B 240 10.79 -24.23 -15.52
C LEU B 240 11.01 -25.43 -16.45
N PHE B 241 10.60 -26.61 -16.05
CA PHE B 241 10.60 -27.79 -16.90
C PHE B 241 9.19 -28.18 -17.31
N ASN B 242 8.26 -27.23 -17.24
CA ASN B 242 6.88 -27.44 -17.70
C ASN B 242 6.21 -28.60 -16.96
N MET B 243 6.58 -28.81 -15.71
CA MET B 243 5.96 -29.84 -14.91
C MET B 243 4.72 -29.39 -14.15
N GLY B 244 4.37 -28.11 -14.19
CA GLY B 244 3.28 -27.61 -13.38
C GLY B 244 3.76 -27.04 -12.06
N PHE B 245 2.79 -26.75 -11.19
CA PHE B 245 3.05 -26.01 -9.96
C PHE B 245 2.88 -26.92 -8.75
N GLY B 246 3.72 -26.69 -7.73
CA GLY B 246 3.62 -27.47 -6.52
C GLY B 246 4.13 -28.89 -6.64
N VAL B 247 5.07 -29.15 -7.54
CA VAL B 247 5.63 -30.47 -7.78
C VAL B 247 6.89 -30.64 -6.96
N ASP B 248 6.93 -31.64 -6.10
CA ASP B 248 8.14 -31.97 -5.33
C ASP B 248 9.10 -32.71 -6.26
N VAL B 249 10.24 -32.08 -6.56
CA VAL B 249 11.23 -32.67 -7.45
C VAL B 249 12.55 -32.90 -6.74
N THR B 250 12.51 -33.08 -5.41
CA THR B 250 13.74 -33.20 -4.60
C THR B 250 14.71 -34.22 -5.19
N GLY B 251 14.24 -35.46 -5.37
CA GLY B 251 15.16 -36.52 -5.78
C GLY B 251 15.69 -36.34 -7.19
N LYS B 252 14.89 -35.73 -8.08
CA LYS B 252 15.37 -35.43 -9.42
C LYS B 252 16.49 -34.40 -9.39
N ILE B 253 16.37 -33.42 -8.49
CA ILE B 253 17.44 -32.41 -8.38
C ILE B 253 18.74 -33.07 -7.94
N TYR B 254 18.66 -33.96 -6.94
CA TYR B 254 19.89 -34.62 -6.50
C TYR B 254 20.56 -35.35 -7.66
N THR B 255 19.78 -36.07 -8.47
CA THR B 255 20.35 -36.79 -9.61
C THR B 255 20.91 -35.81 -10.63
N ALA B 256 20.18 -34.72 -10.91
CA ALA B 256 20.65 -33.74 -11.87
C ALA B 256 21.98 -33.12 -11.45
N LEU B 257 22.12 -32.80 -10.15
CA LEU B 257 23.35 -32.18 -9.67
C LEU B 257 24.55 -33.12 -9.84
N ARG B 258 24.33 -34.41 -9.63
CA ARG B 258 25.41 -35.37 -9.89
C ARG B 258 25.76 -35.39 -11.37
N GLN B 259 24.75 -35.36 -12.25
CA GLN B 259 25.00 -35.37 -13.68
C GLN B 259 25.67 -34.10 -14.16
N LEU B 260 25.53 -32.98 -13.43
CA LEU B 260 26.25 -31.75 -13.74
C LEU B 260 27.71 -31.81 -13.31
N GLY B 261 28.10 -32.81 -12.53
CA GLY B 261 29.48 -32.95 -12.14
C GLY B 261 29.84 -32.47 -10.75
N PHE B 262 28.86 -32.06 -9.93
CA PHE B 262 29.16 -31.68 -8.57
C PHE B 262 29.71 -32.89 -7.81
N ASP B 263 30.66 -32.63 -6.92
CA ASP B 263 31.41 -33.69 -6.27
C ASP B 263 30.77 -34.18 -4.98
N LYS B 264 29.88 -33.40 -4.38
CA LYS B 264 29.22 -33.82 -3.16
C LYS B 264 27.87 -33.12 -3.13
N ILE B 265 26.81 -33.87 -2.83
CA ILE B 265 25.44 -33.36 -2.86
C ILE B 265 24.93 -33.31 -1.42
N PHE B 266 24.81 -32.10 -0.89
CA PHE B 266 24.28 -31.89 0.44
C PHE B 266 22.95 -31.13 0.31
N ASP B 267 22.50 -30.48 1.40
CA ASP B 267 21.20 -29.82 1.36
C ASP B 267 21.18 -28.69 2.37
N ILE B 268 20.72 -27.50 1.95
CA ILE B 268 20.62 -26.38 2.88
C ILE B 268 19.66 -26.67 4.03
N ASN B 269 18.71 -27.59 3.85
CA ASN B 269 17.82 -27.93 4.96
C ASN B 269 18.59 -28.49 6.15
N PHE B 270 19.74 -29.13 5.92
CA PHE B 270 20.63 -29.52 7.00
C PHE B 270 21.14 -28.27 7.73
N GLY B 271 21.55 -27.26 6.96
CA GLY B 271 21.89 -25.97 7.56
C GLY B 271 20.74 -25.34 8.31
N ALA B 272 19.51 -25.49 7.82
CA ALA B 272 18.36 -24.94 8.55
C ALA B 272 18.22 -25.61 9.92
N ASP B 273 18.42 -26.93 9.97
CA ASP B 273 18.42 -27.61 11.27
C ASP B 273 19.54 -27.08 12.18
N MET B 274 20.72 -26.78 11.60
CA MET B 274 21.79 -26.17 12.41
C MET B 274 21.39 -24.79 12.94
N THR B 275 20.81 -23.95 12.09
CA THR B 275 20.36 -22.63 12.54
C THR B 275 19.38 -22.77 13.70
N ILE B 276 18.48 -23.74 13.62
CA ILE B 276 17.53 -23.97 14.71
C ILE B 276 18.24 -24.40 15.99
N MET B 277 19.16 -25.37 15.90
CA MET B 277 19.99 -25.68 17.07
C MET B 277 20.54 -24.46 17.76
N GLU B 278 21.16 -23.56 16.99
CA GLU B 278 21.79 -22.39 17.60
C GLU B 278 20.76 -21.38 18.06
N GLU B 279 19.74 -21.13 17.24
CA GLU B 279 18.81 -20.05 17.52
C GLU B 279 17.81 -20.44 18.61
N ALA B 280 17.35 -21.69 18.61
CA ALA B 280 16.46 -22.13 19.69
C ALA B 280 17.20 -22.15 21.02
N THR B 281 18.47 -22.56 21.01
CA THR B 281 19.30 -22.45 22.21
C THR B 281 19.39 -21.00 22.68
N GLU B 282 19.65 -20.08 21.75
CA GLU B 282 19.73 -18.66 22.10
C GLU B 282 18.42 -18.15 22.67
N LEU B 283 17.30 -18.53 22.08
CA LEU B 283 16.01 -18.08 22.59
C LEU B 283 15.79 -18.55 24.02
N VAL B 284 16.12 -19.82 24.31
CA VAL B 284 15.94 -20.32 25.67
C VAL B 284 16.87 -19.59 26.63
N GLN B 285 18.11 -19.30 26.19
CA GLN B 285 19.04 -18.53 27.03
C GLN B 285 18.49 -17.13 27.31
N ARG B 286 17.92 -16.47 26.29
CA ARG B 286 17.35 -15.14 26.52
C ARG B 286 16.16 -15.22 27.46
N ILE B 287 15.35 -16.27 27.34
CA ILE B 287 14.25 -16.43 28.29
C ILE B 287 14.79 -16.55 29.71
N GLU B 288 15.81 -17.41 29.90
CA GLU B 288 16.40 -17.57 31.23
C GLU B 288 17.03 -16.27 31.74
N ASN B 289 17.62 -15.48 30.84
CA ASN B 289 18.27 -14.22 31.19
C ASN B 289 17.33 -13.02 31.20
N ASN B 290 16.04 -13.23 30.91
CA ASN B 290 15.06 -12.14 30.87
C ASN B 290 15.42 -11.11 29.80
N GLY B 291 16.02 -11.56 28.70
CA GLY B 291 16.28 -10.71 27.57
C GLY B 291 17.67 -10.91 27.01
N PRO B 292 18.07 -10.07 26.03
CA PRO B 292 17.30 -8.94 25.51
C PRO B 292 16.17 -9.36 24.57
N PHE B 293 15.02 -8.71 24.71
CA PHE B 293 13.85 -8.98 23.88
C PHE B 293 13.49 -7.73 23.10
N PRO B 294 12.85 -7.89 21.93
CA PRO B 294 12.67 -9.16 21.23
C PRO B 294 13.98 -9.68 20.63
N MET B 295 14.07 -11.01 20.47
CA MET B 295 15.00 -11.57 19.50
C MET B 295 14.37 -11.54 18.12
N PHE B 296 15.11 -11.05 17.12
CA PHE B 296 14.67 -11.14 15.73
C PHE B 296 15.47 -12.21 15.00
N THR B 297 14.82 -12.90 14.07
CA THR B 297 15.58 -13.78 13.19
C THR B 297 16.57 -12.97 12.35
N SER B 298 17.60 -13.64 11.85
CA SER B 298 18.66 -12.96 11.11
C SER B 298 19.01 -13.71 9.83
N ASP B 299 18.13 -14.60 9.37
CA ASP B 299 18.45 -15.50 8.29
C ASP B 299 18.05 -14.99 6.93
N CYS B 300 17.25 -13.91 6.86
CA CYS B 300 16.85 -13.30 5.60
C CYS B 300 17.75 -12.10 5.35
N PRO B 301 18.64 -12.14 4.36
CA PRO B 301 19.55 -11.00 4.14
C PRO B 301 18.84 -9.75 3.63
N GLY B 302 17.65 -9.87 3.05
CA GLY B 302 16.91 -8.66 2.69
C GLY B 302 16.43 -7.92 3.92
N TRP B 303 15.93 -8.66 4.91
CA TRP B 303 15.60 -8.09 6.22
C TRP B 303 16.85 -7.53 6.90
N VAL B 304 17.96 -8.26 6.86
CA VAL B 304 19.18 -7.72 7.49
C VAL B 304 19.54 -6.37 6.89
N ARG B 305 19.51 -6.26 5.55
CA ARG B 305 19.76 -4.96 4.94
C ARG B 305 18.72 -3.92 5.35
N GLN B 306 17.45 -4.33 5.47
CA GLN B 306 16.41 -3.40 5.93
C GLN B 306 16.71 -2.88 7.33
N ALA B 307 17.15 -3.77 8.22
CA ALA B 307 17.50 -3.37 9.57
C ALA B 307 18.71 -2.45 9.56
N GLU B 308 19.76 -2.82 8.80
CA GLU B 308 20.95 -1.98 8.71
C GLU B 308 20.61 -0.59 8.20
N ASN B 309 19.69 -0.49 7.22
CA ASN B 309 19.43 0.76 6.52
C ASN B 309 18.37 1.61 7.22
N TYR B 310 17.46 0.98 7.97
CA TYR B 310 16.30 1.68 8.52
C TYR B 310 16.09 1.51 10.02
N TYR B 311 16.60 0.45 10.64
CA TYR B 311 16.39 0.18 12.06
C TYR B 311 17.69 -0.29 12.68
N PRO B 312 18.75 0.51 12.59
CA PRO B 312 20.05 0.05 13.11
C PRO B 312 20.02 -0.25 14.60
N GLU B 313 19.10 0.36 15.34
CA GLU B 313 18.96 0.09 16.77
C GLU B 313 18.49 -1.34 17.06
N LEU B 314 17.95 -2.05 16.08
CA LEU B 314 17.54 -3.44 16.26
C LEU B 314 18.65 -4.44 16.00
N LEU B 315 19.78 -4.01 15.44
CA LEU B 315 20.81 -4.97 15.04
C LEU B 315 21.32 -5.78 16.22
N ASN B 316 21.40 -5.15 17.40
N ASN B 316 21.40 -5.15 17.40
CA ASN B 316 21.85 -5.90 18.57
CA ASN B 316 21.84 -5.89 18.57
C ASN B 316 20.85 -6.97 18.98
C ASN B 316 20.83 -6.92 19.05
N ASN B 317 19.60 -6.87 18.55
CA ASN B 317 18.57 -7.82 18.94
C ASN B 317 18.48 -9.00 17.98
N LEU B 318 19.16 -8.94 16.84
CA LEU B 318 19.12 -10.06 15.90
C LEU B 318 19.79 -11.28 16.52
N SER B 319 19.23 -12.45 16.24
CA SER B 319 19.90 -13.70 16.60
C SER B 319 21.31 -13.73 16.02
N SER B 320 22.25 -14.24 16.81
CA SER B 320 23.61 -14.37 16.31
C SER B 320 23.83 -15.63 15.49
N ALA B 321 22.86 -16.55 15.43
CA ALA B 321 23.04 -17.73 14.58
C ALA B 321 23.23 -17.29 13.12
N LYS B 322 24.17 -17.92 12.44
CA LYS B 322 24.27 -17.71 11.00
C LYS B 322 23.04 -18.27 10.30
N SER B 323 22.72 -17.71 9.13
CA SER B 323 21.62 -18.20 8.33
C SER B 323 21.93 -19.63 7.87
N PRO B 324 20.91 -20.40 7.49
CA PRO B 324 21.17 -21.76 7.00
C PRO B 324 22.25 -21.82 5.93
N GLN B 325 22.22 -20.89 4.97
CA GLN B 325 23.25 -20.85 3.93
C GLN B 325 24.63 -20.68 4.55
N GLN B 326 24.80 -19.67 5.39
CA GLN B 326 26.14 -19.36 5.87
C GLN B 326 26.61 -20.35 6.94
N ILE B 327 25.69 -20.85 7.77
CA ILE B 327 26.04 -21.82 8.78
C ILE B 327 26.44 -23.15 8.13
N PHE B 328 25.72 -23.54 7.07
CA PHE B 328 26.11 -24.70 6.30
C PHE B 328 27.48 -24.48 5.67
N GLY B 329 27.69 -23.32 5.07
CA GLY B 329 28.96 -23.07 4.41
C GLY B 329 30.13 -23.15 5.38
N THR B 330 29.98 -22.52 6.55
CA THR B 330 31.03 -22.58 7.55
C THR B 330 31.36 -24.02 7.91
N ALA B 331 30.32 -24.84 8.10
CA ALA B 331 30.55 -26.24 8.45
C ALA B 331 31.15 -27.01 7.28
N SER B 332 30.85 -26.60 6.04
CA SER B 332 31.37 -27.30 4.87
C SER B 332 32.88 -27.12 4.72
N LYS B 333 33.46 -26.09 5.36
CA LYS B 333 34.89 -25.83 5.29
C LYS B 333 35.65 -26.33 6.50
N THR B 334 34.95 -26.84 7.52
CA THR B 334 35.56 -27.22 8.79
C THR B 334 35.20 -28.66 9.11
N TYR B 335 33.92 -28.90 9.43
CA TYR B 335 33.47 -30.24 9.72
C TYR B 335 33.65 -31.17 8.53
N TYR B 336 33.27 -30.71 7.33
CA TYR B 336 33.31 -31.62 6.19
C TYR B 336 34.70 -32.13 5.88
N PRO B 337 35.73 -31.28 5.77
CA PRO B 337 37.10 -31.83 5.64
C PRO B 337 37.46 -32.81 6.74
N SER B 338 36.98 -32.60 7.96
CA SER B 338 37.31 -33.50 9.07
C SER B 338 36.75 -34.90 8.88
N ILE B 339 35.70 -35.06 8.06
CA ILE B 339 35.09 -36.37 7.83
C ILE B 339 35.32 -36.87 6.42
N SER B 340 36.16 -36.19 5.63
CA SER B 340 36.34 -36.56 4.23
C SER B 340 37.80 -36.62 3.81
N GLY B 341 38.67 -35.88 4.47
CA GLY B 341 40.06 -35.78 4.04
C GLY B 341 40.33 -34.72 3.00
N LEU B 342 39.31 -34.01 2.52
CA LEU B 342 39.57 -32.92 1.59
C LEU B 342 40.44 -31.87 2.25
N ASP B 343 41.36 -31.31 1.48
CA ASP B 343 42.05 -30.11 1.94
C ASP B 343 41.03 -28.98 1.95
N PRO B 344 40.81 -28.31 3.10
CA PRO B 344 39.79 -27.25 3.16
C PRO B 344 39.89 -26.21 2.04
N LYS B 345 41.10 -25.83 1.64
CA LYS B 345 41.23 -24.78 0.62
C LYS B 345 40.71 -25.22 -0.75
N ASN B 346 40.56 -26.53 -0.98
CA ASN B 346 40.08 -27.01 -2.26
C ASN B 346 38.58 -27.23 -2.28
N VAL B 347 37.91 -27.08 -1.14
CA VAL B 347 36.45 -27.18 -1.10
C VAL B 347 35.89 -25.89 -1.66
N PHE B 348 34.94 -26.02 -2.59
CA PHE B 348 34.25 -24.89 -3.20
C PHE B 348 32.76 -25.14 -2.99
N THR B 349 32.11 -24.30 -2.18
CA THR B 349 30.74 -24.56 -1.76
C THR B 349 29.76 -23.67 -2.53
N VAL B 350 28.80 -24.31 -3.20
CA VAL B 350 27.79 -23.64 -4.02
C VAL B 350 26.44 -23.88 -3.39
N THR B 351 25.62 -22.83 -3.30
CA THR B 351 24.23 -23.01 -2.94
C THR B 351 23.33 -22.68 -4.12
N VAL B 352 22.15 -23.30 -4.10
CA VAL B 352 21.09 -22.98 -5.06
C VAL B 352 19.97 -22.37 -4.24
N MET B 353 19.62 -21.13 -4.54
N MET B 353 19.58 -21.15 -4.57
CA MET B 353 18.75 -20.32 -3.71
CA MET B 353 18.73 -20.38 -3.67
C MET B 353 17.58 -19.78 -4.52
C MET B 353 17.63 -19.68 -4.46
N PRO B 354 16.43 -19.54 -3.88
CA PRO B 354 15.34 -18.83 -4.57
C PRO B 354 15.47 -17.32 -4.49
N CYS B 355 16.70 -16.82 -4.27
CA CYS B 355 16.90 -15.50 -3.69
C CYS B 355 18.10 -14.84 -4.35
N THR B 356 17.95 -13.55 -4.65
CA THR B 356 19.09 -12.74 -5.10
C THR B 356 19.89 -12.16 -3.94
N SER B 357 19.25 -11.85 -2.82
N SER B 357 19.26 -11.83 -2.83
CA SER B 357 19.96 -11.26 -1.71
CA SER B 357 20.01 -11.24 -1.72
C SER B 357 20.97 -12.22 -1.10
C SER B 357 20.99 -12.22 -1.13
N LYS B 358 20.77 -13.53 -1.29
CA LYS B 358 21.74 -14.52 -0.80
C LYS B 358 23.11 -14.38 -1.47
N LYS B 359 23.15 -13.86 -2.70
CA LYS B 359 24.44 -13.58 -3.34
C LYS B 359 25.22 -12.51 -2.59
N PHE B 360 24.52 -11.47 -2.15
CA PHE B 360 25.17 -10.44 -1.34
C PHE B 360 25.62 -11.00 -0.01
N GLU B 361 24.76 -11.81 0.65
CA GLU B 361 25.14 -12.40 1.93
C GLU B 361 26.42 -13.23 1.80
N ALA B 362 26.47 -14.11 0.79
CA ALA B 362 27.64 -14.97 0.62
C ALA B 362 28.91 -14.17 0.31
N ASP B 363 28.77 -12.96 -0.23
CA ASP B 363 29.90 -12.14 -0.59
C ASP B 363 30.24 -11.09 0.47
N ARG B 364 29.58 -11.14 1.63
CA ARG B 364 29.91 -10.19 2.69
C ARG B 364 31.35 -10.40 3.14
N PRO B 365 32.14 -9.34 3.29
CA PRO B 365 33.58 -9.53 3.61
C PRO B 365 33.85 -10.46 4.78
N GLN B 366 33.07 -10.37 5.86
CA GLN B 366 33.36 -11.12 7.08
C GLN B 366 32.74 -12.52 7.10
N MET B 367 32.06 -12.93 6.02
CA MET B 367 31.44 -14.24 5.95
C MET B 367 32.50 -15.28 5.50
N GLU B 368 33.53 -15.41 6.32
CA GLU B 368 34.60 -16.36 6.08
C GLU B 368 35.24 -16.68 7.42
N LYS B 369 36.00 -17.77 7.44
CA LYS B 369 36.77 -18.16 8.61
C LYS B 369 38.08 -18.78 8.16
N ASP B 370 39.17 -18.40 8.82
CA ASP B 370 40.49 -18.94 8.49
C ASP B 370 40.81 -18.76 7.02
N GLY B 371 40.31 -17.68 6.43
CA GLY B 371 40.56 -17.36 5.04
C GLY B 371 39.69 -18.10 4.03
N LEU B 372 38.78 -18.94 4.49
CA LEU B 372 37.93 -19.70 3.60
C LEU B 372 36.53 -19.10 3.62
N ARG B 373 36.02 -18.75 2.44
CA ARG B 373 34.65 -18.28 2.35
C ARG B 373 33.69 -19.34 2.88
N ASP B 374 32.68 -18.91 3.64
CA ASP B 374 31.60 -19.85 3.98
C ASP B 374 31.03 -20.45 2.70
N ILE B 375 30.69 -19.58 1.75
CA ILE B 375 30.00 -19.92 0.53
C ILE B 375 30.72 -19.24 -0.62
N ASP B 376 31.07 -20.01 -1.66
CA ASP B 376 31.87 -19.49 -2.76
C ASP B 376 31.03 -19.03 -3.94
N ALA B 377 29.83 -19.56 -4.10
CA ALA B 377 28.96 -19.13 -5.19
C ALA B 377 27.53 -19.45 -4.81
N VAL B 378 26.62 -18.63 -5.30
CA VAL B 378 25.18 -18.80 -5.11
C VAL B 378 24.52 -18.67 -6.47
N ILE B 379 23.81 -19.72 -6.90
CA ILE B 379 23.02 -19.65 -8.12
C ILE B 379 21.55 -19.68 -7.78
N THR B 380 20.74 -18.93 -8.54
CA THR B 380 19.30 -18.92 -8.29
C THR B 380 18.65 -20.19 -8.85
N THR B 381 17.38 -20.39 -8.49
CA THR B 381 16.58 -21.44 -9.10
C THR B 381 16.62 -21.34 -10.63
N ARG B 382 16.49 -20.12 -11.14
CA ARG B 382 16.53 -19.91 -12.59
C ARG B 382 17.89 -20.32 -13.17
N GLU B 383 18.98 -19.96 -12.50
CA GLU B 383 20.31 -20.31 -13.00
C GLU B 383 20.50 -21.81 -13.03
N LEU B 384 20.03 -22.52 -11.99
CA LEU B 384 20.21 -23.97 -12.00
C LEU B 384 19.44 -24.61 -13.15
N ALA B 385 18.21 -24.14 -13.40
CA ALA B 385 17.43 -24.71 -14.50
C ALA B 385 18.16 -24.52 -15.82
N LYS B 386 18.74 -23.34 -16.05
CA LYS B 386 19.52 -23.12 -17.26
C LYS B 386 20.69 -24.08 -17.35
N MET B 387 21.39 -24.29 -16.24
N MET B 387 21.40 -24.28 -16.24
CA MET B 387 22.55 -25.17 -16.23
CA MET B 387 22.56 -25.18 -16.23
C MET B 387 22.15 -26.60 -16.59
C MET B 387 22.15 -26.60 -16.59
N ILE B 388 21.04 -27.07 -16.02
CA ILE B 388 20.55 -28.42 -16.30
C ILE B 388 20.19 -28.57 -17.77
N LYS B 389 19.48 -27.58 -18.33
CA LYS B 389 19.07 -27.67 -19.72
C LYS B 389 20.29 -27.62 -20.65
N ASP B 390 21.24 -26.74 -20.34
CA ASP B 390 22.43 -26.61 -21.19
C ASP B 390 23.23 -27.90 -21.23
N ALA B 391 23.19 -28.69 -20.15
CA ALA B 391 23.91 -29.96 -20.03
C ALA B 391 23.16 -31.15 -20.64
N LYS B 392 22.00 -30.93 -21.26
CA LYS B 392 21.25 -32.00 -21.92
C LYS B 392 20.79 -33.07 -20.93
N ILE B 393 20.50 -32.65 -19.72
CA ILE B 393 20.01 -33.55 -18.67
C ILE B 393 18.48 -33.61 -18.76
N PRO B 394 17.89 -34.80 -18.95
CA PRO B 394 16.42 -34.91 -19.09
C PRO B 394 15.74 -34.91 -17.72
N PHE B 395 15.66 -33.71 -17.14
CA PHE B 395 15.32 -33.52 -15.73
C PHE B 395 14.08 -34.29 -15.33
N ALA B 396 12.99 -34.10 -16.08
CA ALA B 396 11.72 -34.68 -15.65
C ALA B 396 11.73 -36.21 -15.69
N LYS B 397 12.62 -36.83 -16.46
CA LYS B 397 12.69 -38.29 -16.57
C LYS B 397 13.70 -38.91 -15.62
N LEU B 398 14.42 -38.12 -14.84
CA LEU B 398 15.45 -38.68 -13.98
C LEU B 398 14.83 -39.53 -12.87
N GLU B 399 15.52 -40.61 -12.52
CA GLU B 399 15.17 -41.34 -11.31
C GLU B 399 15.66 -40.56 -10.10
N ASP B 400 14.99 -40.79 -8.97
CA ASP B 400 15.40 -40.15 -7.72
C ASP B 400 16.72 -40.74 -7.23
N SER B 401 17.54 -39.87 -6.64
CA SER B 401 18.64 -40.30 -5.81
C SER B 401 18.55 -39.57 -4.47
N GLU B 402 19.47 -39.88 -3.58
CA GLU B 402 19.52 -39.28 -2.26
C GLU B 402 20.72 -38.35 -2.16
N ALA B 403 20.64 -37.40 -1.24
CA ALA B 403 21.81 -36.61 -0.91
C ALA B 403 22.81 -37.46 -0.13
N ASP B 404 24.03 -37.01 -0.09
N ASP B 404 24.07 -37.05 -0.14
CA ASP B 404 25.01 -37.61 0.80
CA ASP B 404 25.01 -37.61 0.82
C ASP B 404 24.65 -37.22 2.24
C ASP B 404 24.53 -37.23 2.22
N PRO B 405 24.37 -38.19 3.12
CA PRO B 405 23.67 -37.87 4.38
C PRO B 405 24.44 -36.99 5.38
N ALA B 406 25.78 -36.98 5.36
CA ALA B 406 26.52 -36.37 6.47
C ALA B 406 26.17 -34.90 6.66
N MET B 407 25.88 -34.19 5.59
CA MET B 407 25.31 -32.84 5.67
C MET B 407 24.10 -32.69 4.75
N GLY B 408 23.35 -33.77 4.57
CA GLY B 408 22.24 -33.82 3.62
C GLY B 408 20.92 -34.22 4.26
N GLU B 409 20.97 -34.94 5.39
CA GLU B 409 19.75 -35.24 6.15
C GLU B 409 19.07 -33.96 6.60
N TYR B 410 17.74 -33.98 6.61
CA TYR B 410 17.02 -32.88 7.23
C TYR B 410 15.73 -33.33 7.88
N SER B 411 15.34 -32.59 8.91
CA SER B 411 14.10 -32.83 9.61
C SER B 411 12.97 -32.04 8.95
N GLY B 412 11.74 -32.37 9.33
CA GLY B 412 10.59 -31.60 8.88
C GLY B 412 10.63 -30.14 9.30
N ALA B 413 11.28 -29.85 10.43
CA ALA B 413 11.42 -28.46 10.86
C ALA B 413 12.28 -27.65 9.89
N GLY B 414 13.41 -28.21 9.45
CA GLY B 414 14.21 -27.53 8.44
C GLY B 414 13.48 -27.41 7.11
N ALA B 415 12.63 -28.40 6.80
CA ALA B 415 11.97 -28.45 5.50
C ALA B 415 11.03 -27.27 5.28
N ILE B 416 10.44 -26.73 6.35
CA ILE B 416 9.41 -25.70 6.21
C ILE B 416 9.98 -24.28 6.19
N PHE B 417 11.30 -24.13 6.29
CA PHE B 417 11.91 -22.80 6.38
C PHE B 417 11.47 -21.88 5.25
N GLY B 418 11.25 -22.41 4.03
CA GLY B 418 10.99 -21.59 2.87
C GLY B 418 9.63 -20.92 2.84
N ALA B 419 8.75 -21.22 3.79
CA ALA B 419 7.46 -20.55 3.85
C ALA B 419 7.45 -19.57 5.01
N THR B 420 6.70 -18.47 4.83
CA THR B 420 6.56 -17.51 5.92
C THR B 420 6.01 -18.19 7.17
N GLY B 421 6.69 -17.96 8.30
CA GLY B 421 6.33 -18.64 9.53
C GLY B 421 7.03 -19.96 9.73
N GLY B 422 7.79 -20.43 8.73
CA GLY B 422 8.47 -21.70 8.86
C GLY B 422 9.59 -21.67 9.90
N VAL B 423 10.43 -20.62 9.86
CA VAL B 423 11.49 -20.52 10.85
C VAL B 423 10.90 -20.44 12.25
N MET B 424 9.84 -19.64 12.42
CA MET B 424 9.21 -19.48 13.72
C MET B 424 8.72 -20.84 14.22
N GLU B 425 7.95 -21.55 13.40
CA GLU B 425 7.45 -22.88 13.77
C GLU B 425 8.60 -23.83 14.10
N ALA B 426 9.59 -23.94 13.21
CA ALA B 426 10.71 -24.83 13.46
C ALA B 426 11.43 -24.49 14.76
N ALA B 427 11.64 -23.19 15.03
CA ALA B 427 12.34 -22.77 16.23
C ALA B 427 11.54 -23.11 17.49
N LEU B 428 10.22 -22.93 17.45
CA LEU B 428 9.42 -23.23 18.63
C LEU B 428 9.43 -24.73 18.95
N ARG B 429 9.48 -25.57 17.92
CA ARG B 429 9.50 -27.02 18.17
C ARG B 429 10.72 -27.40 19.01
N SER B 430 11.87 -26.80 18.71
CA SER B 430 13.07 -27.10 19.50
C SER B 430 13.14 -26.32 20.80
N ALA B 431 12.79 -25.03 20.78
CA ALA B 431 12.88 -24.23 22.00
C ALA B 431 12.03 -24.81 23.13
N LYS B 432 10.80 -25.21 22.81
CA LYS B 432 9.92 -25.77 23.84
C LYS B 432 10.48 -27.07 24.41
N ASP B 433 10.98 -27.97 23.55
CA ASP B 433 11.63 -29.19 24.05
C ASP B 433 12.85 -28.86 24.90
N PHE B 434 13.68 -27.91 24.45
CA PHE B 434 14.88 -27.56 25.21
C PHE B 434 14.51 -26.98 26.58
N ALA B 435 13.58 -26.03 26.59
CA ALA B 435 13.24 -25.34 27.85
C ALA B 435 12.53 -26.25 28.82
N GLU B 436 11.71 -27.17 28.33
CA GLU B 436 10.93 -28.06 29.18
C GLU B 436 11.62 -29.38 29.45
N ASN B 437 12.80 -29.60 28.88
CA ASN B 437 13.49 -30.88 28.99
C ASN B 437 12.55 -32.04 28.65
N ALA B 438 11.85 -31.89 27.54
CA ALA B 438 10.76 -32.78 27.19
C ALA B 438 10.85 -33.14 25.71
N GLU B 439 10.04 -34.12 25.33
CA GLU B 439 9.94 -34.61 23.96
C GLU B 439 8.46 -34.46 23.60
N LEU B 440 8.05 -33.24 23.28
CA LEU B 440 6.64 -32.95 23.14
C LEU B 440 6.07 -33.49 21.84
N GLU B 441 4.81 -33.94 21.92
CA GLU B 441 4.08 -34.54 20.82
C GLU B 441 3.41 -33.51 19.93
N ASP B 442 2.86 -32.44 20.52
N ASP B 442 2.86 -32.44 20.52
CA ASP B 442 2.13 -31.43 19.77
CA ASP B 442 2.13 -31.43 19.77
C ASP B 442 3.14 -30.40 19.24
C ASP B 442 3.12 -30.40 19.24
N ILE B 443 3.35 -30.42 17.92
CA ILE B 443 4.44 -29.65 17.31
C ILE B 443 3.97 -28.73 16.20
N GLU B 444 2.70 -28.72 15.86
CA GLU B 444 2.20 -27.95 14.73
C GLU B 444 1.71 -26.59 15.23
N TYR B 445 2.30 -25.52 14.70
CA TYR B 445 1.99 -24.16 15.12
C TYR B 445 1.29 -23.46 13.96
N LYS B 446 0.05 -23.86 13.71
CA LYS B 446 -0.64 -23.39 12.51
C LYS B 446 -0.94 -21.90 12.57
N GLN B 447 -0.98 -21.30 13.76
CA GLN B 447 -1.28 -19.87 13.90
C GLN B 447 -0.22 -18.94 13.28
N VAL B 448 0.98 -19.46 13.10
CA VAL B 448 2.01 -18.62 12.51
C VAL B 448 2.13 -18.78 11.00
N ARG B 449 1.30 -19.64 10.39
CA ARG B 449 1.40 -19.96 8.98
C ARG B 449 0.51 -19.05 8.15
N GLY B 450 0.77 -19.03 6.84
CA GLY B 450 -0.13 -18.40 5.89
C GLY B 450 0.26 -16.97 5.51
N LEU B 451 -0.60 -16.37 4.71
CA LEU B 451 -0.23 -15.19 3.94
C LEU B 451 -0.55 -13.86 4.62
N ASN B 452 -1.14 -13.84 5.80
CA ASN B 452 -1.32 -12.54 6.46
C ASN B 452 0.04 -11.86 6.63
N GLY B 453 0.06 -10.54 6.44
CA GLY B 453 1.33 -9.84 6.41
C GLY B 453 2.00 -9.70 7.76
N ILE B 454 1.21 -9.66 8.83
CA ILE B 454 1.71 -9.60 10.19
C ILE B 454 0.90 -10.62 10.98
N LYS B 455 1.57 -11.59 11.56
CA LYS B 455 0.92 -12.68 12.28
C LYS B 455 1.51 -12.71 13.69
N GLU B 456 0.69 -13.10 14.65
CA GLU B 456 1.17 -13.18 16.01
C GLU B 456 0.56 -14.39 16.70
N ALA B 457 1.26 -14.84 17.73
CA ALA B 457 0.77 -15.94 18.53
C ALA B 457 1.32 -15.81 19.93
N GLU B 458 0.59 -16.42 20.85
CA GLU B 458 1.03 -16.52 22.22
C GLU B 458 1.38 -17.98 22.42
N VAL B 459 2.54 -18.27 22.96
CA VAL B 459 3.05 -19.63 23.12
C VAL B 459 3.43 -19.83 24.58
N GLU B 460 3.11 -21.00 25.10
CA GLU B 460 3.40 -21.31 26.50
C GLU B 460 4.63 -22.17 26.56
N ILE B 461 5.62 -21.74 27.35
CA ILE B 461 6.87 -22.47 27.53
C ILE B 461 7.15 -22.52 29.03
N ASN B 462 7.19 -23.72 29.60
CA ASN B 462 7.46 -23.87 31.03
C ASN B 462 6.45 -23.09 31.87
N ASN B 463 5.19 -23.13 31.46
CA ASN B 463 4.05 -22.52 32.12
C ASN B 463 4.03 -21.00 32.07
N ASN B 464 4.95 -20.37 31.35
CA ASN B 464 4.98 -18.93 31.12
C ASN B 464 4.54 -18.66 29.69
N LYS B 465 3.87 -17.53 29.50
CA LYS B 465 3.44 -17.15 28.19
C LYS B 465 4.39 -16.18 27.51
N TYR B 466 4.67 -16.44 26.25
CA TYR B 466 5.56 -15.59 25.46
C TYR B 466 4.86 -15.16 24.17
N ASN B 467 5.21 -13.96 23.71
CA ASN B 467 4.59 -13.37 22.53
C ASN B 467 5.54 -13.48 21.34
N VAL B 468 5.05 -14.05 20.25
CA VAL B 468 5.85 -14.16 19.03
C VAL B 468 5.11 -13.46 17.91
N ALA B 469 5.87 -12.98 16.94
CA ALA B 469 5.28 -12.39 15.75
C ALA B 469 6.02 -12.90 14.53
N VAL B 470 5.31 -12.97 13.41
CA VAL B 470 5.90 -13.33 12.11
C VAL B 470 5.57 -12.19 11.15
N ILE B 471 6.60 -11.54 10.65
CA ILE B 471 6.44 -10.42 9.72
C ILE B 471 6.71 -10.96 8.33
N ASN B 472 5.74 -10.79 7.43
CA ASN B 472 5.70 -11.51 6.16
C ASN B 472 5.77 -10.46 5.05
N GLY B 473 6.99 -10.06 4.71
CA GLY B 473 7.25 -9.08 3.66
C GLY B 473 7.83 -7.78 4.22
N ALA B 474 8.74 -7.17 3.46
CA ALA B 474 9.45 -5.98 3.93
C ALA B 474 8.51 -4.78 4.17
N SER B 475 7.49 -4.62 3.32
CA SER B 475 6.54 -3.54 3.56
C SER B 475 5.80 -3.74 4.87
N ASN B 476 5.54 -4.99 5.25
CA ASN B 476 4.89 -5.29 6.52
C ASN B 476 5.81 -5.07 7.72
N LEU B 477 7.12 -5.20 7.55
CA LEU B 477 8.03 -4.77 8.61
C LEU B 477 7.87 -3.27 8.86
N PHE B 478 7.89 -2.47 7.80
CA PHE B 478 7.67 -1.03 7.96
C PHE B 478 6.33 -0.75 8.62
N LYS B 479 5.28 -1.48 8.21
CA LYS B 479 3.97 -1.26 8.82
C LYS B 479 4.01 -1.60 10.31
N PHE B 480 4.59 -2.76 10.64
CA PHE B 480 4.66 -3.19 12.03
C PHE B 480 5.37 -2.18 12.90
N MET B 481 6.40 -1.52 12.37
CA MET B 481 7.18 -0.63 13.22
C MET B 481 6.56 0.76 13.22
N LYS B 482 6.22 1.27 12.04
CA LYS B 482 5.74 2.65 11.91
C LYS B 482 4.37 2.82 12.55
N SER B 483 3.55 1.77 12.53
CA SER B 483 2.22 1.84 13.12
C SER B 483 2.26 1.78 14.64
N GLY B 484 3.41 1.43 15.22
CA GLY B 484 3.50 1.21 16.64
C GLY B 484 3.03 -0.15 17.11
N MET B 485 2.69 -1.08 16.21
CA MET B 485 2.27 -2.39 16.66
C MET B 485 3.34 -3.04 17.53
N ILE B 486 4.61 -2.78 17.21
CA ILE B 486 5.75 -3.29 17.97
C ILE B 486 5.62 -2.94 19.45
N ASN B 487 4.91 -1.86 19.78
CA ASN B 487 4.88 -1.37 21.15
C ASN B 487 3.60 -1.75 21.88
N GLU B 488 2.75 -2.58 21.29
CA GLU B 488 1.48 -2.93 21.91
C GLU B 488 1.65 -3.98 22.99
N LYS B 489 2.79 -4.67 23.02
CA LYS B 489 3.07 -5.70 24.03
C LYS B 489 4.56 -6.00 23.93
N GLN B 490 5.08 -6.73 24.91
CA GLN B 490 6.47 -7.17 24.85
C GLN B 490 6.55 -8.39 23.94
N TYR B 491 7.17 -8.23 22.77
N TYR B 491 7.21 -8.24 22.78
CA TYR B 491 7.45 -9.38 21.92
CA TYR B 491 7.45 -9.39 21.91
C TYR B 491 8.73 -10.05 22.38
C TYR B 491 8.77 -10.05 22.27
N HIS B 492 8.75 -11.37 22.31
CA HIS B 492 9.93 -12.16 22.69
C HIS B 492 10.72 -12.66 21.50
N PHE B 493 10.04 -13.05 20.42
CA PHE B 493 10.73 -13.63 19.28
C PHE B 493 9.94 -13.27 18.04
N ILE B 494 10.63 -12.69 17.05
CA ILE B 494 9.99 -12.17 15.86
C ILE B 494 10.73 -12.68 14.63
N GLU B 495 10.00 -13.35 13.73
CA GLU B 495 10.54 -13.73 12.43
C GLU B 495 10.26 -12.62 11.44
N VAL B 496 11.26 -12.27 10.62
CA VAL B 496 11.06 -11.32 9.53
C VAL B 496 11.57 -11.93 8.22
N MET B 497 10.71 -11.93 7.18
CA MET B 497 11.09 -12.32 5.81
C MET B 497 10.83 -11.10 4.93
N ALA B 498 11.76 -10.79 4.01
CA ALA B 498 11.59 -9.64 3.12
C ALA B 498 10.59 -9.90 1.99
N CYS B 499 10.41 -11.15 1.57
CA CYS B 499 9.54 -11.47 0.45
C CYS B 499 8.22 -11.98 0.99
N HIS B 500 7.12 -11.37 0.53
CA HIS B 500 5.81 -11.81 1.00
C HIS B 500 5.55 -13.25 0.54
N GLY B 501 5.12 -14.10 1.47
CA GLY B 501 5.04 -15.53 1.26
C GLY B 501 6.24 -16.30 1.77
N GLY B 502 7.33 -15.59 2.05
CA GLY B 502 8.57 -16.25 2.39
C GLY B 502 9.41 -16.54 1.16
N CYS B 503 10.45 -17.35 1.36
CA CYS B 503 11.41 -17.60 0.30
C CYS B 503 10.79 -18.27 -0.93
N VAL B 504 9.67 -18.97 -0.77
CA VAL B 504 9.02 -19.54 -1.94
C VAL B 504 8.65 -18.48 -2.95
N ASN B 505 8.53 -17.21 -2.51
CA ASN B 505 8.29 -16.08 -3.42
C ASN B 505 9.51 -15.20 -3.61
N GLY B 506 10.71 -15.79 -3.52
CA GLY B 506 11.94 -15.01 -3.60
C GLY B 506 12.22 -14.45 -4.99
N GLY B 507 13.19 -13.55 -5.03
CA GLY B 507 13.56 -12.85 -6.25
C GLY B 507 14.36 -13.65 -7.24
N GLY B 508 14.79 -14.86 -6.88
CA GLY B 508 15.48 -15.77 -7.77
C GLY B 508 14.61 -16.87 -8.30
N GLN B 509 13.31 -16.79 -8.07
CA GLN B 509 12.39 -17.88 -8.41
C GLN B 509 11.92 -17.81 -9.86
N PRO B 510 11.34 -18.90 -10.38
CA PRO B 510 10.78 -18.85 -11.73
C PRO B 510 9.77 -17.73 -11.89
N HIS B 511 9.87 -17.01 -13.01
CA HIS B 511 8.79 -16.10 -13.38
C HIS B 511 7.52 -16.89 -13.67
N VAL B 512 6.39 -16.29 -13.33
CA VAL B 512 5.08 -16.87 -13.58
C VAL B 512 4.29 -15.85 -14.39
N ASN B 513 3.71 -16.30 -15.48
CA ASN B 513 2.92 -15.40 -16.30
C ASN B 513 1.71 -14.91 -15.50
N PRO B 514 1.42 -13.60 -15.50
CA PRO B 514 0.32 -13.08 -14.69
C PRO B 514 -1.03 -13.74 -14.95
N LYS B 515 -1.18 -14.45 -16.07
CA LYS B 515 -2.39 -15.22 -16.32
C LYS B 515 -2.43 -16.46 -15.44
N ASP B 516 -1.31 -17.20 -15.37
CA ASP B 516 -1.21 -18.33 -14.47
C ASP B 516 -1.36 -17.89 -13.03
N LEU B 517 -0.87 -16.69 -12.70
CA LEU B 517 -1.01 -16.16 -11.35
C LEU B 517 -2.47 -15.91 -10.98
N GLU B 518 -3.34 -15.71 -11.97
CA GLU B 518 -4.77 -15.59 -11.68
C GLU B 518 -5.39 -16.94 -11.31
N LYS B 519 -4.81 -18.04 -11.79
CA LYS B 519 -5.37 -19.36 -11.55
C LYS B 519 -4.67 -20.12 -10.43
N VAL B 520 -3.49 -19.72 -10.03
CA VAL B 520 -2.70 -20.43 -9.04
C VAL B 520 -2.24 -19.45 -7.97
N ASP B 521 -2.49 -19.80 -6.70
CA ASP B 521 -1.86 -19.09 -5.57
C ASP B 521 -0.44 -19.60 -5.44
N ILE B 522 0.49 -18.91 -6.11
CA ILE B 522 1.86 -19.40 -6.21
C ILE B 522 2.51 -19.52 -4.84
N LYS B 523 2.25 -18.56 -3.94
CA LYS B 523 2.88 -18.60 -2.63
C LYS B 523 2.42 -19.81 -1.83
N LYS B 524 1.13 -20.12 -1.90
CA LYS B 524 0.60 -21.24 -1.13
C LYS B 524 0.94 -22.57 -1.79
N VAL B 525 0.90 -22.63 -3.12
CA VAL B 525 1.15 -23.89 -3.79
C VAL B 525 2.62 -24.31 -3.65
N ARG B 526 3.55 -23.35 -3.76
CA ARG B 526 4.94 -23.68 -3.53
C ARG B 526 5.17 -24.08 -2.07
N ALA B 527 4.58 -23.34 -1.12
CA ALA B 527 4.76 -23.68 0.29
C ALA B 527 4.19 -25.06 0.62
N SER B 528 3.16 -25.48 -0.12
CA SER B 528 2.51 -26.73 0.21
C SER B 528 3.47 -27.91 0.14
N VAL B 529 4.42 -27.87 -0.80
CA VAL B 529 5.41 -28.93 -0.94
C VAL B 529 6.21 -29.06 0.35
N LEU B 530 6.58 -27.92 0.94
CA LEU B 530 7.41 -27.95 2.13
C LEU B 530 6.63 -28.49 3.32
N TYR B 531 5.39 -28.04 3.51
CA TYR B 531 4.57 -28.61 4.58
C TYR B 531 4.27 -30.09 4.34
N ASN B 532 4.11 -30.50 3.07
CA ASN B 532 3.92 -31.92 2.80
C ASN B 532 5.13 -32.74 3.25
N GLN B 533 6.34 -32.24 2.98
CA GLN B 533 7.52 -33.00 3.39
C GLN B 533 7.58 -33.12 4.91
N ASP B 534 7.29 -32.01 5.61
CA ASP B 534 7.29 -32.03 7.07
C ASP B 534 6.33 -33.10 7.60
N GLU B 535 5.12 -33.17 7.04
CA GLU B 535 4.11 -34.11 7.50
C GLU B 535 4.54 -35.56 7.30
N HIS B 536 5.34 -35.83 6.28
CA HIS B 536 5.74 -37.20 5.96
C HIS B 536 7.08 -37.62 6.51
N LEU B 537 7.90 -36.69 7.01
CA LEU B 537 9.18 -37.06 7.57
C LEU B 537 9.02 -37.65 8.97
N SER B 538 9.86 -38.65 9.29
N SER B 538 9.85 -38.64 9.29
CA SER B 538 9.79 -39.26 10.62
CA SER B 538 9.78 -39.25 10.62
C SER B 538 10.33 -38.33 11.69
C SER B 538 10.32 -38.31 11.68
N LYS B 539 11.39 -37.58 11.38
CA LYS B 539 11.94 -36.60 12.30
C LYS B 539 11.38 -35.23 11.91
N ARG B 540 10.69 -34.58 12.84
CA ARG B 540 10.10 -33.27 12.58
C ARG B 540 10.64 -32.18 13.49
N LYS B 541 11.76 -32.44 14.17
CA LYS B 541 12.40 -31.46 15.01
C LYS B 541 13.87 -31.43 14.63
N SER B 542 14.45 -30.22 14.57
CA SER B 542 15.83 -30.09 14.10
C SER B 542 16.80 -30.89 14.97
N HIS B 543 16.55 -30.94 16.28
CA HIS B 543 17.46 -31.64 17.19
C HIS B 543 17.35 -33.15 17.13
N GLU B 544 16.45 -33.68 16.29
CA GLU B 544 16.36 -35.11 16.05
C GLU B 544 17.04 -35.55 14.77
N ASN B 545 17.60 -34.63 14.00
CA ASN B 545 18.33 -34.95 12.77
C ASN B 545 19.58 -35.75 13.15
N THR B 546 19.62 -37.02 12.74
CA THR B 546 20.68 -37.91 13.21
C THR B 546 22.07 -37.49 12.72
N ALA B 547 22.18 -37.09 11.45
CA ALA B 547 23.47 -36.60 10.96
C ALA B 547 23.90 -35.33 11.69
N LEU B 548 22.95 -34.45 11.99
CA LEU B 548 23.30 -33.24 12.72
C LEU B 548 23.78 -33.58 14.12
N VAL B 549 23.09 -34.50 14.80
CA VAL B 549 23.50 -34.88 16.16
C VAL B 549 24.93 -35.42 16.16
N LYS B 550 25.26 -36.26 15.17
CA LYS B 550 26.61 -36.78 15.08
C LYS B 550 27.63 -35.66 14.87
N MET B 551 27.31 -34.71 14.00
CA MET B 551 28.19 -33.55 13.77
C MET B 551 28.47 -32.80 15.06
N TYR B 552 27.40 -32.49 15.82
CA TYR B 552 27.62 -31.78 17.09
C TYR B 552 28.42 -32.63 18.07
N GLN B 553 28.06 -33.92 18.21
CA GLN B 553 28.77 -34.77 19.16
C GLN B 553 30.24 -34.89 18.81
N ASN B 554 30.57 -35.00 17.52
CA ASN B 554 31.93 -35.34 17.13
C ASN B 554 32.79 -34.13 16.79
N TYR B 555 32.19 -32.95 16.60
CA TYR B 555 32.97 -31.83 16.10
C TYR B 555 32.66 -30.51 16.80
N PHE B 556 31.38 -30.11 16.85
CA PHE B 556 31.05 -28.77 17.35
C PHE B 556 30.80 -28.71 18.85
N GLY B 557 30.38 -29.80 19.48
CA GLY B 557 30.08 -29.79 20.91
C GLY B 557 28.66 -29.34 21.17
N LYS B 558 28.50 -28.42 22.14
CA LYS B 558 27.14 -28.06 22.49
C LYS B 558 26.74 -26.76 21.81
N PRO B 559 25.50 -26.67 21.29
CA PRO B 559 25.09 -25.44 20.63
C PRO B 559 25.20 -24.25 21.56
N GLY B 560 25.54 -23.11 20.98
CA GLY B 560 25.61 -21.86 21.71
C GLY B 560 26.82 -21.70 22.59
N GLU B 561 27.76 -22.65 22.55
CA GLU B 561 28.93 -22.62 23.41
C GLU B 561 30.14 -23.06 22.61
N GLY B 562 31.32 -22.78 23.16
CA GLY B 562 32.55 -23.34 22.64
C GLY B 562 32.74 -23.15 21.15
N ARG B 563 33.12 -24.25 20.47
CA ARG B 563 33.39 -24.21 19.05
C ARG B 563 32.18 -23.79 18.24
N ALA B 564 30.97 -24.17 18.68
CA ALA B 564 29.76 -23.78 17.97
C ALA B 564 29.55 -22.27 18.05
N HIS B 565 29.73 -21.69 19.22
CA HIS B 565 29.61 -20.25 19.31
C HIS B 565 30.74 -19.58 18.55
N GLU B 566 31.91 -20.22 18.50
CA GLU B 566 33.07 -19.65 17.85
C GLU B 566 32.85 -19.46 16.34
N ILE B 567 32.32 -20.47 15.67
CA ILE B 567 32.34 -20.41 14.22
C ILE B 567 30.96 -20.33 13.58
N LEU B 568 29.89 -20.71 14.27
CA LEU B 568 28.58 -20.77 13.65
C LEU B 568 27.74 -19.51 13.87
N HIS B 569 28.32 -18.46 14.46
CA HIS B 569 27.57 -17.27 14.81
C HIS B 569 28.17 -16.06 14.09
N PHE B 570 27.37 -15.01 13.98
CA PHE B 570 27.76 -13.78 13.30
C PHE B 570 26.93 -12.65 13.88
N LYS B 571 27.59 -11.60 14.33
CA LYS B 571 26.90 -10.45 14.91
C LYS B 571 27.02 -9.25 13.98
N TYR B 572 25.90 -8.56 13.77
CA TYR B 572 25.92 -7.31 13.01
C TYR B 572 26.06 -6.14 13.97
N LYS B 573 26.91 -5.20 13.61
CA LYS B 573 27.05 -3.97 14.36
C LYS B 573 26.82 -2.77 13.46
#